data_7JYY
#
_entry.id   7JYY
#
_cell.length_a   166.948
_cell.length_b   166.948
_cell.length_c   98.810
_cell.angle_alpha   90.000
_cell.angle_beta   90.000
_cell.angle_gamma   120.000
#
_symmetry.space_group_name_H-M   'P 32 2 1'
#
loop_
_entity.id
_entity.type
_entity.pdbx_description
1 polymer "2'-O-methyltransferase"
2 polymer 'Non-structural protein 10'
3 polymer "RNA (5'-D(*(M7G))-R(P*AP*UP*UP*A)-3')"
4 non-polymer S-ADENOSYLMETHIONINE
5 non-polymer 'MAGNESIUM ION'
6 non-polymer 'SODIUM ION'
7 non-polymer 'CHLORIDE ION'
8 non-polymer 'FORMIC ACID'
9 non-polymer 'ZINC ION'
10 water water
#
loop_
_entity_poly.entity_id
_entity_poly.type
_entity_poly.pdbx_seq_one_letter_code
_entity_poly.pdbx_strand_id
1 'polypeptide(L)'
;SNSSQAWQPGVAMPNLYKMQRMLLEKCDLQNYGDSATLPKGIMMNVAKYTQLCQYLNTLTLAVPYNMRVIHFGAGSDKGV
APGTAVLRQWLPTGTLLVDSDLNDFVSDADSTLIGDCATVHTANKWDLIISDMYDPKTKNVTKENDSKEGFFTYICGFIQ
QKLALGGSVAIKITEHSWNADLYKLMGHFAWWTAFVTNVNASSSEAFLIGCNYLGKPREQIDGYVMHANYIFWRNTNPIQ
LSSYSLFDMSKFPLKLRGTAVMSLKEGQINDMILSLLSKGRLIIRENNRVVISSDVLVNN
;
A,C
2 'polypeptide(L)'
;SNAGNATEVPANSTVLSFCAFAVDAAKAYKDYLASGGQPITNCVKMLCTHTGTGQAITVTPEANMDQESFGGASCCLYCR
CHIDHPNPKGFCDLKGKYVQIPTTCANDPVGFTLKNTVCTVCGMWKGYGCSCDQLREPMLQ
;
B,D
3 'polyribonucleotide' (M7G)AUUAAA E,F
#
# COMPACT_ATOMS: atom_id res chain seq x y z
N SER A 1 7.09 45.75 -9.49
CA SER A 1 6.67 45.38 -8.11
C SER A 1 5.56 46.33 -7.63
N ASN A 2 4.33 46.07 -8.06
CA ASN A 2 3.14 46.90 -7.68
C ASN A 2 2.85 46.68 -6.19
N SER A 3 2.57 47.76 -5.46
CA SER A 3 2.29 47.70 -3.99
C SER A 3 0.85 47.23 -3.73
N SER A 4 -0.10 47.52 -4.63
CA SER A 4 -1.53 47.14 -4.45
C SER A 4 -1.68 45.61 -4.39
N GLN A 5 -0.84 44.90 -5.14
CA GLN A 5 -0.86 43.41 -5.20
C GLN A 5 -0.26 42.81 -3.93
N ALA A 6 0.53 43.59 -3.18
CA ALA A 6 1.25 43.09 -1.98
C ALA A 6 0.30 42.62 -0.87
N TRP A 7 -0.93 43.14 -0.80
N TRP A 7 -0.93 43.15 -0.85
CA TRP A 7 -1.86 42.67 0.28
CA TRP A 7 -1.96 42.81 0.17
C TRP A 7 -2.74 41.52 -0.23
C TRP A 7 -2.72 41.53 -0.24
N GLN A 8 -2.58 41.13 -1.50
CA GLN A 8 -3.31 39.96 -2.03
C GLN A 8 -2.53 38.69 -1.68
N PRO A 9 -3.14 37.49 -1.75
CA PRO A 9 -2.41 36.24 -1.55
C PRO A 9 -1.43 35.98 -2.71
N GLY A 10 -1.68 36.63 -3.84
CA GLY A 10 -0.84 36.46 -5.03
C GLY A 10 -1.40 37.21 -6.22
N VAL A 11 -0.91 36.89 -7.42
CA VAL A 11 -1.38 37.59 -8.65
C VAL A 11 -1.77 36.55 -9.69
N ALA A 12 -2.94 36.75 -10.30
CA ALA A 12 -3.46 35.90 -11.39
C ALA A 12 -3.08 36.55 -12.72
N MET A 13 -2.75 35.73 -13.72
CA MET A 13 -2.36 36.23 -15.06
C MET A 13 -3.53 37.02 -15.67
N PRO A 14 -3.35 38.32 -16.02
CA PRO A 14 -4.42 39.09 -16.65
C PRO A 14 -4.87 38.43 -17.97
N ASN A 15 -6.18 38.50 -18.25
CA ASN A 15 -6.79 37.88 -19.45
C ASN A 15 -6.14 38.35 -20.76
N LEU A 16 -5.78 39.63 -20.84
N LEU A 16 -5.76 39.62 -20.85
CA LEU A 16 -5.16 40.18 -22.10
CA LEU A 16 -5.18 40.14 -22.12
C LEU A 16 -3.91 39.38 -22.47
C LEU A 16 -3.90 39.37 -22.48
N TYR A 17 -3.14 38.90 -21.48
CA TYR A 17 -1.91 38.12 -21.77
C TYR A 17 -2.29 36.79 -22.44
N LYS A 18 -3.40 36.20 -22.03
CA LYS A 18 -3.85 34.90 -22.60
C LYS A 18 -4.24 35.02 -24.08
N MET A 19 -4.61 36.22 -24.53
CA MET A 19 -5.08 36.42 -25.94
C MET A 19 -3.92 36.78 -26.88
N GLN A 20 -2.68 36.82 -26.37
CA GLN A 20 -1.53 37.20 -27.24
C GLN A 20 -0.98 35.95 -27.93
N ARG A 21 -0.07 36.17 -28.88
CA ARG A 21 0.58 35.11 -29.69
C ARG A 21 2.10 35.30 -29.52
N MET A 22 2.58 35.11 -28.30
CA MET A 22 4.01 35.39 -28.02
C MET A 22 4.90 34.21 -28.42
N LEU A 23 6.13 34.55 -28.74
CA LEU A 23 7.20 33.57 -29.04
C LEU A 23 7.82 33.19 -27.69
N LEU A 24 8.12 31.92 -27.47
CA LEU A 24 8.73 31.51 -26.18
C LEU A 24 10.15 32.09 -26.08
N GLU A 25 10.55 32.45 -24.86
CA GLU A 25 11.94 32.90 -24.61
C GLU A 25 12.21 32.73 -23.11
N LYS A 26 13.44 33.04 -22.69
CA LYS A 26 13.83 32.85 -21.28
C LYS A 26 12.95 33.67 -20.32
N CYS A 27 12.64 33.07 -19.17
CA CYS A 27 11.95 33.79 -18.08
C CYS A 27 13.04 34.48 -17.27
N ASP A 28 13.00 35.81 -17.18
CA ASP A 28 14.07 36.59 -16.49
C ASP A 28 13.37 37.46 -15.44
N LEU A 29 13.38 37.02 -14.18
CA LEU A 29 12.68 37.77 -13.09
C LEU A 29 13.65 38.75 -12.43
N GLN A 30 13.22 40.00 -12.32
CA GLN A 30 13.98 41.11 -11.71
C GLN A 30 14.39 40.75 -10.27
N ASN A 31 13.65 39.87 -9.58
CA ASN A 31 13.96 39.55 -8.17
C ASN A 31 14.25 38.05 -7.97
N TYR A 32 14.69 37.35 -9.02
CA TYR A 32 14.92 35.88 -8.97
C TYR A 32 15.65 35.42 -7.71
N GLY A 33 15.14 34.35 -7.09
CA GLY A 33 15.77 33.71 -5.92
C GLY A 33 15.53 34.42 -4.59
N ASP A 34 15.16 35.71 -4.60
CA ASP A 34 14.94 36.46 -3.33
C ASP A 34 13.96 35.69 -2.44
N SER A 35 14.20 35.75 -1.12
CA SER A 35 13.34 35.07 -0.12
C SER A 35 12.43 36.11 0.54
N ALA A 36 11.16 35.75 0.73
CA ALA A 36 10.19 36.64 1.42
C ALA A 36 10.38 36.42 2.92
N THR A 37 9.97 37.39 3.74
CA THR A 37 10.04 37.26 5.22
C THR A 37 8.83 36.43 5.67
N LEU A 38 9.04 35.18 6.08
CA LEU A 38 7.90 34.34 6.53
C LEU A 38 7.61 34.55 8.00
N PRO A 39 6.37 34.35 8.47
CA PRO A 39 6.06 34.44 9.89
C PRO A 39 6.96 33.43 10.61
N LYS A 40 7.35 33.74 11.85
CA LYS A 40 8.25 32.89 12.67
C LYS A 40 7.85 31.42 12.63
N GLY A 41 8.81 30.54 12.28
CA GLY A 41 8.64 29.08 12.28
C GLY A 41 7.66 28.55 11.24
N ILE A 42 7.22 29.37 10.29
CA ILE A 42 6.28 28.88 9.23
C ILE A 42 7.10 28.43 8.03
N MET A 43 6.87 27.20 7.57
CA MET A 43 7.57 26.62 6.40
C MET A 43 7.10 27.33 5.12
N MET A 44 8.01 27.42 4.15
CA MET A 44 7.70 28.01 2.82
C MET A 44 6.42 27.41 2.24
N ASN A 45 6.28 26.07 2.29
CA ASN A 45 5.10 25.43 1.64
C ASN A 45 3.83 25.64 2.46
N VAL A 46 3.91 25.80 3.79
CA VAL A 46 2.66 26.17 4.50
C VAL A 46 2.20 27.54 3.98
N ALA A 47 3.14 28.49 3.89
CA ALA A 47 2.83 29.85 3.40
C ALA A 47 2.30 29.79 1.96
N LYS A 48 2.96 28.99 1.11
CA LYS A 48 2.60 28.91 -0.32
C LYS A 48 1.20 28.31 -0.49
N TYR A 49 0.93 27.18 0.18
CA TYR A 49 -0.41 26.54 0.06
C TYR A 49 -1.47 27.42 0.70
N THR A 50 -1.11 28.14 1.78
CA THR A 50 -2.11 29.04 2.41
C THR A 50 -2.54 30.09 1.38
N GLN A 51 -1.58 30.68 0.66
CA GLN A 51 -1.94 31.74 -0.33
C GLN A 51 -2.70 31.12 -1.50
N LEU A 52 -2.35 29.90 -1.92
CA LEU A 52 -3.09 29.26 -3.03
C LEU A 52 -4.55 29.11 -2.60
N CYS A 53 -4.77 28.55 -1.40
CA CYS A 53 -6.13 28.35 -0.86
C CYS A 53 -6.86 29.69 -0.68
N GLN A 54 -6.17 30.74 -0.22
CA GLN A 54 -6.79 32.07 -0.08
C GLN A 54 -7.29 32.53 -1.45
N TYR A 55 -6.52 32.25 -2.50
CA TYR A 55 -6.97 32.65 -3.85
C TYR A 55 -8.13 31.74 -4.31
N LEU A 56 -8.01 30.43 -4.08
CA LEU A 56 -9.09 29.49 -4.51
C LEU A 56 -10.43 29.87 -3.86
N ASN A 57 -10.41 30.50 -2.68
CA ASN A 57 -11.65 30.93 -2.00
C ASN A 57 -12.40 31.98 -2.82
N THR A 58 -11.71 32.70 -3.72
CA THR A 58 -12.36 33.80 -4.48
C THR A 58 -12.98 33.28 -5.79
N LEU A 59 -12.79 31.98 -6.08
CA LEU A 59 -13.29 31.41 -7.36
C LEU A 59 -14.63 30.72 -7.13
N THR A 60 -15.17 30.05 -8.15
CA THR A 60 -16.49 29.38 -8.05
C THR A 60 -16.26 27.87 -7.91
N LEU A 61 -15.45 27.47 -6.92
CA LEU A 61 -15.23 26.02 -6.70
C LEU A 61 -16.52 25.35 -6.24
N ALA A 62 -16.79 24.17 -6.79
CA ALA A 62 -17.92 23.33 -6.34
C ALA A 62 -17.45 22.73 -5.01
N VAL A 63 -18.28 22.79 -3.97
CA VAL A 63 -17.88 22.24 -2.64
C VAL A 63 -19.03 21.38 -2.15
N PRO A 64 -19.13 20.11 -2.59
CA PRO A 64 -20.21 19.24 -2.14
C PRO A 64 -19.90 18.62 -0.76
N TYR A 65 -20.91 18.02 -0.13
CA TYR A 65 -20.68 17.26 1.12
C TYR A 65 -19.89 16.03 0.67
N ASN A 66 -18.98 15.50 1.50
CA ASN A 66 -18.19 14.31 1.07
C ASN A 66 -17.38 14.67 -0.19
N MET A 67 -16.82 15.88 -0.19
CA MET A 67 -15.99 16.37 -1.31
C MET A 67 -14.80 15.43 -1.44
N ARG A 68 -14.33 15.20 -2.67
CA ARG A 68 -13.18 14.28 -2.93
C ARG A 68 -11.99 15.07 -3.45
N VAL A 69 -10.91 15.09 -2.70
CA VAL A 69 -9.71 15.88 -3.08
C VAL A 69 -8.49 14.95 -3.18
N ILE A 70 -7.75 15.05 -4.27
CA ILE A 70 -6.51 14.24 -4.42
C ILE A 70 -5.33 15.22 -4.58
N HIS A 71 -4.25 14.96 -3.83
CA HIS A 71 -3.07 15.86 -3.81
C HIS A 71 -1.81 15.10 -4.26
N PHE A 72 -1.32 15.42 -5.45
CA PHE A 72 -0.10 14.80 -6.04
C PHE A 72 1.13 15.66 -5.70
N GLY A 73 2.26 15.00 -5.46
CA GLY A 73 3.51 15.71 -5.10
C GLY A 73 3.40 16.30 -3.72
N ALA A 74 2.79 15.56 -2.80
CA ALA A 74 2.52 16.00 -1.41
C ALA A 74 3.71 15.71 -0.48
N GLY A 75 4.69 14.94 -0.94
CA GLY A 75 5.85 14.62 -0.07
C GLY A 75 6.89 15.74 -0.09
N SER A 76 7.93 15.60 0.73
CA SER A 76 9.00 16.63 0.78
C SER A 76 10.28 15.98 1.31
N ASP A 77 11.42 16.65 1.09
CA ASP A 77 12.73 16.17 1.61
C ASP A 77 12.69 16.14 3.14
N LYS A 78 11.66 16.74 3.77
CA LYS A 78 11.53 16.78 5.25
C LYS A 78 10.81 15.53 5.77
N GLY A 79 10.24 14.71 4.89
CA GLY A 79 9.50 13.49 5.30
C GLY A 79 8.11 13.81 5.84
N VAL A 80 7.66 15.06 5.72
CA VAL A 80 6.30 15.48 6.18
C VAL A 80 5.57 16.11 4.98
N ALA A 81 4.29 16.45 5.16
CA ALA A 81 3.44 17.00 4.07
C ALA A 81 2.83 18.34 4.49
N PRO A 82 3.59 19.45 4.40
CA PRO A 82 3.07 20.76 4.77
C PRO A 82 1.82 21.15 3.96
N GLY A 83 1.88 20.96 2.65
CA GLY A 83 0.75 21.29 1.75
C GLY A 83 -0.50 20.55 2.14
N THR A 84 -0.36 19.25 2.43
CA THR A 84 -1.54 18.43 2.83
C THR A 84 -2.13 18.98 4.12
N ALA A 85 -1.29 19.38 5.08
CA ALA A 85 -1.79 19.93 6.36
C ALA A 85 -2.61 21.20 6.08
N VAL A 86 -2.14 22.06 5.18
CA VAL A 86 -2.91 23.29 4.81
C VAL A 86 -4.22 22.89 4.11
N LEU A 87 -4.17 21.98 3.12
CA LEU A 87 -5.42 21.56 2.43
C LEU A 87 -6.43 21.03 3.46
N ARG A 88 -5.98 20.16 4.37
CA ARG A 88 -6.83 19.63 5.47
C ARG A 88 -7.45 20.76 6.31
N GLN A 89 -6.64 21.76 6.62
CA GLN A 89 -7.12 22.93 7.42
C GLN A 89 -8.18 23.68 6.61
N TRP A 90 -7.90 23.84 5.32
CA TRP A 90 -8.75 24.63 4.40
C TRP A 90 -10.08 23.93 4.09
N LEU A 91 -10.01 22.66 3.69
CA LEU A 91 -11.20 21.90 3.27
C LEU A 91 -12.17 21.69 4.42
N PRO A 92 -13.48 21.60 4.12
CA PRO A 92 -14.48 21.36 5.16
C PRO A 92 -14.17 20.02 5.84
N THR A 93 -14.47 19.93 7.13
CA THR A 93 -14.27 18.68 7.90
C THR A 93 -15.08 17.59 7.20
N GLY A 94 -14.53 16.39 7.09
CA GLY A 94 -15.28 15.32 6.42
C GLY A 94 -14.93 15.23 4.94
N THR A 95 -14.16 16.20 4.44
CA THR A 95 -13.71 16.15 3.02
C THR A 95 -12.72 14.99 2.90
N LEU A 96 -12.92 14.15 1.90
CA LEU A 96 -12.00 13.01 1.67
C LEU A 96 -10.73 13.58 1.00
N LEU A 97 -9.57 13.40 1.66
CA LEU A 97 -8.27 13.91 1.14
C LEU A 97 -7.27 12.76 1.00
N VAL A 98 -6.87 12.49 -0.24
CA VAL A 98 -5.87 11.44 -0.55
C VAL A 98 -4.63 12.13 -1.09
N ASP A 99 -3.43 11.77 -0.60
CA ASP A 99 -2.24 12.45 -1.17
C ASP A 99 -1.28 11.39 -1.71
N SER A 100 -0.26 11.83 -2.45
CA SER A 100 0.65 10.88 -3.10
C SER A 100 2.00 11.52 -3.39
N ASP A 101 3.04 10.69 -3.49
CA ASP A 101 4.39 11.17 -3.82
C ASP A 101 5.27 9.96 -4.15
N LEU A 102 6.33 10.20 -4.92
N LEU A 102 6.32 10.18 -4.96
CA LEU A 102 7.30 9.15 -5.34
CA LEU A 102 7.31 9.13 -5.32
C LEU A 102 8.02 8.59 -4.10
C LEU A 102 7.92 8.56 -4.04
N ASN A 103 8.27 9.44 -3.09
CA ASN A 103 8.99 9.06 -1.85
C ASN A 103 8.05 8.99 -0.64
N ASP A 104 8.36 8.08 0.30
N ASP A 104 8.39 8.11 0.31
CA ASP A 104 7.52 7.92 1.51
CA ASP A 104 7.60 7.91 1.56
C ASP A 104 7.54 9.23 2.32
C ASP A 104 7.58 9.22 2.36
N PHE A 105 6.49 9.47 3.09
CA PHE A 105 6.37 10.68 3.93
C PHE A 105 5.23 10.47 4.93
N VAL A 106 5.24 11.25 6.02
CA VAL A 106 4.17 11.22 7.07
C VAL A 106 3.13 12.27 6.66
N SER A 107 1.84 11.89 6.61
CA SER A 107 0.77 12.77 6.12
C SER A 107 -0.47 12.79 7.02
N ASP A 108 -1.24 13.88 6.91
CA ASP A 108 -2.52 14.10 7.63
C ASP A 108 -3.68 13.68 6.72
N ALA A 109 -3.37 13.25 5.49
CA ALA A 109 -4.43 12.82 4.53
C ALA A 109 -5.11 11.53 5.03
N ASP A 110 -6.36 11.31 4.60
CA ASP A 110 -7.11 10.08 4.97
C ASP A 110 -6.35 8.86 4.46
N SER A 111 -5.74 8.96 3.28
CA SER A 111 -4.93 7.86 2.70
C SER A 111 -3.75 8.45 1.93
N THR A 112 -2.60 7.77 1.96
CA THR A 112 -1.36 8.20 1.26
C THR A 112 -0.88 7.08 0.34
N LEU A 113 -0.57 7.41 -0.91
CA LEU A 113 -0.07 6.46 -1.93
C LEU A 113 1.38 6.81 -2.27
N ILE A 114 2.27 5.83 -2.16
CA ILE A 114 3.71 6.04 -2.43
C ILE A 114 4.06 5.37 -3.76
N GLY A 115 4.78 6.10 -4.61
CA GLY A 115 5.20 5.60 -5.94
C GLY A 115 4.95 6.64 -7.02
N ASP A 116 5.44 6.39 -8.22
CA ASP A 116 5.24 7.28 -9.38
C ASP A 116 3.72 7.49 -9.53
N CYS A 117 3.29 8.72 -9.81
CA CYS A 117 1.82 8.98 -9.98
C CYS A 117 1.27 8.11 -11.10
N ALA A 118 2.11 7.69 -12.06
CA ALA A 118 1.66 6.83 -13.18
C ALA A 118 1.17 5.47 -12.66
N THR A 119 1.53 5.11 -11.43
CA THR A 119 1.14 3.81 -10.82
C THR A 119 -0.16 3.95 -10.01
N VAL A 120 -0.69 5.16 -9.90
CA VAL A 120 -1.93 5.41 -9.09
C VAL A 120 -3.16 5.11 -9.94
N HIS A 121 -4.03 4.22 -9.44
CA HIS A 121 -5.30 3.85 -10.15
C HIS A 121 -6.50 4.17 -9.27
N THR A 122 -7.60 4.60 -9.90
CA THR A 122 -8.86 4.88 -9.16
C THR A 122 -10.04 4.61 -10.10
N ALA A 123 -11.14 4.10 -9.53
CA ALA A 123 -12.37 3.83 -10.31
C ALA A 123 -13.36 4.97 -10.07
N ASN A 124 -12.93 5.97 -9.31
CA ASN A 124 -13.80 7.11 -8.90
C ASN A 124 -13.40 8.42 -9.57
N LYS A 125 -14.37 9.33 -9.68
CA LYS A 125 -14.12 10.70 -10.17
C LYS A 125 -13.89 11.56 -8.94
N TRP A 126 -13.10 12.64 -9.10
CA TRP A 126 -12.67 13.54 -8.01
C TRP A 126 -13.24 14.95 -8.25
N ASP A 127 -13.33 15.75 -7.19
CA ASP A 127 -13.94 17.10 -7.26
C ASP A 127 -12.85 18.16 -7.33
N LEU A 128 -11.66 17.84 -6.83
CA LEU A 128 -10.54 18.81 -6.82
C LEU A 128 -9.22 18.05 -6.91
N ILE A 129 -8.36 18.48 -7.84
CA ILE A 129 -7.00 17.88 -8.01
C ILE A 129 -5.96 18.97 -7.73
N ILE A 130 -5.06 18.70 -6.78
CA ILE A 130 -3.94 19.63 -6.48
C ILE A 130 -2.66 18.88 -6.83
N SER A 131 -1.78 19.51 -7.61
CA SER A 131 -0.47 18.88 -7.91
C SER A 131 0.67 19.87 -7.63
N ASP A 132 1.65 19.42 -6.85
CA ASP A 132 2.87 20.21 -6.59
C ASP A 132 4.04 19.38 -7.13
N MET A 133 3.75 18.39 -7.97
CA MET A 133 4.82 17.54 -8.55
C MET A 133 5.80 18.40 -9.37
N TYR A 134 7.08 18.09 -9.21
CA TYR A 134 8.20 18.77 -9.92
C TYR A 134 9.33 17.73 -10.00
N ASP A 135 9.78 17.42 -11.23
CA ASP A 135 10.84 16.41 -11.46
C ASP A 135 12.20 17.02 -11.17
N PRO A 136 12.99 16.43 -10.24
CA PRO A 136 14.32 16.95 -9.94
C PRO A 136 15.22 17.12 -11.17
N LYS A 137 15.07 16.28 -12.21
CA LYS A 137 15.96 16.39 -13.40
C LYS A 137 15.57 17.60 -14.25
N THR A 138 14.44 18.26 -13.94
CA THR A 138 14.05 19.51 -14.67
C THR A 138 15.13 20.55 -14.37
N LYS A 139 15.78 20.44 -13.20
CA LYS A 139 16.89 21.36 -12.80
C LYS A 139 18.10 21.13 -13.71
N ASN A 140 18.18 19.97 -14.36
CA ASN A 140 19.28 19.69 -15.32
C ASN A 140 18.75 20.00 -16.73
N VAL A 141 18.79 21.27 -17.14
CA VAL A 141 18.32 21.70 -18.49
C VAL A 141 19.34 21.17 -19.50
N THR A 142 19.03 20.03 -20.14
CA THR A 142 19.94 19.33 -21.09
C THR A 142 19.66 19.72 -22.54
N LYS A 143 18.54 20.42 -22.79
CA LYS A 143 18.20 20.85 -24.17
C LYS A 143 17.29 22.09 -24.09
N GLU A 144 16.49 22.32 -25.13
N GLU A 144 16.50 22.34 -25.14
CA GLU A 144 15.59 23.50 -25.22
CA GLU A 144 15.60 23.53 -25.20
C GLU A 144 14.39 23.34 -24.27
C GLU A 144 14.48 23.39 -24.16
N ASN A 145 13.66 24.44 -24.03
CA ASN A 145 12.51 24.43 -23.10
C ASN A 145 11.29 23.85 -23.84
N ASP A 146 11.30 22.53 -24.07
N ASP A 146 11.29 22.51 -23.95
CA ASP A 146 10.16 21.88 -24.79
CA ASP A 146 10.24 21.72 -24.64
C ASP A 146 9.12 21.43 -23.74
C ASP A 146 9.11 21.36 -23.68
N SER A 147 7.92 21.06 -24.22
CA SER A 147 6.80 20.58 -23.39
C SER A 147 7.29 19.32 -22.67
N LYS A 148 7.07 19.20 -21.35
CA LYS A 148 7.59 18.04 -20.58
C LYS A 148 6.52 16.96 -20.56
N GLU A 149 6.91 15.68 -20.64
CA GLU A 149 5.96 14.55 -20.74
C GLU A 149 6.24 13.44 -19.71
N GLY A 150 6.49 13.77 -18.46
CA GLY A 150 6.62 12.72 -17.42
C GLY A 150 5.30 12.66 -16.67
N PHE A 151 5.25 13.14 -15.43
CA PHE A 151 3.98 13.16 -14.66
C PHE A 151 2.91 14.01 -15.38
N PHE A 152 3.29 14.99 -16.22
CA PHE A 152 2.24 15.80 -16.87
C PHE A 152 1.34 14.95 -17.78
N THR A 153 1.88 13.93 -18.45
CA THR A 153 0.99 13.11 -19.31
C THR A 153 -0.02 12.39 -18.39
N TYR A 154 0.43 11.94 -17.22
CA TYR A 154 -0.50 11.26 -16.27
C TYR A 154 -1.59 12.24 -15.83
N ILE A 155 -1.21 13.45 -15.41
N ILE A 155 -1.19 13.44 -15.41
CA ILE A 155 -2.19 14.47 -14.95
CA ILE A 155 -2.13 14.51 -14.96
C ILE A 155 -3.20 14.75 -16.06
C ILE A 155 -3.19 14.73 -16.06
N CYS A 156 -2.73 14.97 -17.30
CA CYS A 156 -3.68 15.22 -18.42
C CYS A 156 -4.68 14.06 -18.54
N GLY A 157 -4.20 12.82 -18.42
CA GLY A 157 -5.09 11.65 -18.50
C GLY A 157 -6.03 11.59 -17.31
N PHE A 158 -5.53 11.92 -16.11
CA PHE A 158 -6.35 11.91 -14.88
C PHE A 158 -7.47 12.96 -14.98
N ILE A 159 -7.15 14.15 -15.51
CA ILE A 159 -8.18 15.22 -15.68
C ILE A 159 -9.26 14.74 -16.63
N GLN A 160 -8.87 14.12 -17.75
CA GLN A 160 -9.85 13.70 -18.79
C GLN A 160 -10.65 12.46 -18.39
N GLN A 161 -10.22 11.70 -17.38
CA GLN A 161 -10.96 10.44 -17.04
C GLN A 161 -11.45 10.41 -15.59
N LYS A 162 -10.75 11.09 -14.68
CA LYS A 162 -11.08 10.96 -13.23
C LYS A 162 -11.53 12.29 -12.61
N LEU A 163 -11.81 13.32 -13.39
CA LEU A 163 -12.26 14.61 -12.80
C LEU A 163 -13.76 14.77 -13.09
N ALA A 164 -14.54 14.94 -12.03
CA ALA A 164 -16.00 15.13 -12.17
C ALA A 164 -16.29 16.42 -12.92
N LEU A 165 -17.33 16.44 -13.77
CA LEU A 165 -17.70 17.73 -14.40
C LEU A 165 -18.02 18.70 -13.27
N GLY A 166 -17.57 19.95 -13.37
CA GLY A 166 -17.75 20.95 -12.30
C GLY A 166 -16.55 20.97 -11.38
N GLY A 167 -15.70 19.94 -11.47
CA GLY A 167 -14.49 19.86 -10.64
C GLY A 167 -13.45 20.88 -11.06
N SER A 168 -12.43 21.09 -10.22
CA SER A 168 -11.37 22.09 -10.50
C SER A 168 -9.99 21.48 -10.24
N VAL A 169 -8.97 22.17 -10.72
CA VAL A 169 -7.57 21.69 -10.55
C VAL A 169 -6.66 22.89 -10.28
N ALA A 170 -5.56 22.62 -9.57
CA ALA A 170 -4.47 23.59 -9.33
C ALA A 170 -3.18 22.77 -9.55
N ILE A 171 -2.52 22.98 -10.69
CA ILE A 171 -1.33 22.17 -11.09
C ILE A 171 -0.10 23.08 -11.14
N LYS A 172 0.94 22.73 -10.37
CA LYS A 172 2.13 23.59 -10.32
C LYS A 172 2.97 23.41 -11.60
N ILE A 173 3.37 24.55 -12.15
CA ILE A 173 4.26 24.63 -13.34
C ILE A 173 5.37 25.63 -12.99
N THR A 174 6.41 25.65 -13.81
CA THR A 174 7.51 26.62 -13.70
C THR A 174 7.91 26.97 -15.12
N GLU A 175 8.94 27.80 -15.30
CA GLU A 175 9.40 28.08 -16.68
C GLU A 175 9.68 26.77 -17.42
N HIS A 176 10.37 25.82 -16.77
CA HIS A 176 10.80 24.57 -17.46
C HIS A 176 9.90 23.38 -17.16
N SER A 177 9.16 23.41 -16.04
CA SER A 177 8.24 22.30 -15.70
C SER A 177 6.84 22.66 -16.20
N TRP A 178 6.54 22.31 -17.45
CA TRP A 178 5.23 22.67 -18.04
C TRP A 178 4.88 21.66 -19.14
N ASN A 179 3.63 21.68 -19.60
CA ASN A 179 3.17 20.73 -20.63
C ASN A 179 2.14 21.43 -21.51
N ALA A 180 2.33 21.33 -22.82
CA ALA A 180 1.44 21.97 -23.83
C ALA A 180 0.02 21.40 -23.74
N ASP A 181 -0.11 20.09 -23.52
CA ASP A 181 -1.45 19.46 -23.45
C ASP A 181 -2.20 19.96 -22.21
N LEU A 182 -1.49 20.19 -21.11
CA LEU A 182 -2.17 20.70 -19.89
C LEU A 182 -2.76 22.08 -20.17
N TYR A 183 -2.01 22.97 -20.84
CA TYR A 183 -2.57 24.29 -21.20
C TYR A 183 -3.79 24.11 -22.10
N LYS A 184 -3.71 23.20 -23.06
CA LYS A 184 -4.84 22.91 -23.98
C LYS A 184 -6.05 22.51 -23.13
N LEU A 185 -5.83 21.69 -22.10
CA LEU A 185 -6.94 21.23 -21.20
C LEU A 185 -7.53 22.39 -20.38
N MET A 186 -6.80 23.48 -20.17
CA MET A 186 -7.35 24.64 -19.42
C MET A 186 -8.57 25.19 -20.19
N GLY A 187 -8.60 24.92 -21.50
CA GLY A 187 -9.71 25.37 -22.36
C GLY A 187 -10.95 24.51 -22.17
N HIS A 188 -10.84 23.41 -21.41
CA HIS A 188 -11.95 22.46 -21.14
C HIS A 188 -12.65 22.82 -19.83
N PHE A 189 -12.25 23.95 -19.22
CA PHE A 189 -12.83 24.45 -17.95
C PHE A 189 -13.63 25.71 -18.26
N ALA A 190 -14.58 26.08 -17.40
CA ALA A 190 -15.39 27.30 -17.63
C ALA A 190 -14.47 28.52 -17.55
N TRP A 191 -13.39 28.40 -16.78
CA TRP A 191 -12.43 29.52 -16.57
C TRP A 191 -11.09 28.96 -16.10
N TRP A 192 -10.00 29.66 -16.40
CA TRP A 192 -8.67 29.18 -15.94
C TRP A 192 -7.74 30.38 -15.75
N THR A 193 -6.63 30.16 -15.05
CA THR A 193 -5.61 31.23 -14.92
C THR A 193 -4.30 30.58 -14.47
N ALA A 194 -3.25 31.39 -14.48
CA ALA A 194 -1.92 31.02 -13.92
C ALA A 194 -1.79 31.93 -12.69
N PHE A 195 -1.73 31.34 -11.52
CA PHE A 195 -1.67 32.12 -10.26
C PHE A 195 -0.28 31.98 -9.63
N VAL A 196 0.29 33.13 -9.27
CA VAL A 196 1.62 33.22 -8.61
C VAL A 196 1.39 33.64 -7.16
N THR A 197 1.86 32.83 -6.20
CA THR A 197 1.73 33.19 -4.77
C THR A 197 2.67 34.37 -4.49
N ASN A 198 2.26 35.29 -3.63
CA ASN A 198 3.14 36.45 -3.31
C ASN A 198 4.39 36.01 -2.54
N VAL A 199 4.34 34.90 -1.78
CA VAL A 199 5.54 34.49 -1.00
C VAL A 199 6.59 33.89 -1.93
N ASN A 200 6.21 33.52 -3.16
CA ASN A 200 7.21 32.90 -4.07
C ASN A 200 7.21 33.65 -5.41
N ALA A 201 6.96 34.97 -5.35
CA ALA A 201 6.89 35.84 -6.55
C ALA A 201 8.24 35.87 -7.27
N SER A 202 9.32 35.51 -6.57
CA SER A 202 10.70 35.52 -7.12
C SER A 202 10.97 34.27 -7.95
N SER A 203 10.01 33.34 -8.01
CA SER A 203 10.15 32.08 -8.78
C SER A 203 9.26 32.11 -10.03
N SER A 204 9.63 31.35 -11.06
CA SER A 204 8.81 31.22 -12.29
C SER A 204 7.64 30.27 -12.02
N GLU A 205 7.57 29.76 -10.79
CA GLU A 205 6.45 28.88 -10.39
C GLU A 205 5.12 29.63 -10.53
N ALA A 206 4.09 28.86 -10.85
CA ALA A 206 2.68 29.33 -10.90
C ALA A 206 1.80 28.10 -10.79
N PHE A 207 0.56 28.30 -10.36
CA PHE A 207 -0.42 27.20 -10.35
C PHE A 207 -1.38 27.39 -11.52
N LEU A 208 -1.40 26.44 -12.45
CA LEU A 208 -2.42 26.49 -13.54
C LEU A 208 -3.72 26.04 -12.88
N ILE A 209 -4.66 26.98 -12.77
CA ILE A 209 -5.96 26.68 -12.11
C ILE A 209 -7.05 26.56 -13.16
N GLY A 210 -7.67 25.39 -13.20
CA GLY A 210 -8.85 25.13 -14.06
C GLY A 210 -10.07 25.14 -13.17
N CYS A 211 -11.02 26.05 -13.43
CA CYS A 211 -12.19 26.16 -12.53
C CYS A 211 -13.44 25.64 -13.24
N ASN A 212 -14.04 24.57 -12.69
CA ASN A 212 -15.31 23.96 -13.19
C ASN A 212 -15.10 23.27 -14.54
N TYR A 213 -14.71 22.00 -14.50
CA TYR A 213 -14.42 21.15 -15.69
C TYR A 213 -15.70 20.92 -16.49
N LEU A 214 -15.64 21.18 -17.80
CA LEU A 214 -16.82 21.04 -18.69
C LEU A 214 -16.71 19.76 -19.53
N GLY A 215 -15.56 19.06 -19.46
CA GLY A 215 -15.41 17.80 -20.21
C GLY A 215 -15.31 18.01 -21.70
N LYS A 216 -15.19 19.26 -22.14
CA LYS A 216 -15.08 19.54 -23.60
C LYS A 216 -14.43 20.91 -23.80
N PRO A 217 -13.78 21.16 -24.96
CA PRO A 217 -13.13 22.44 -25.18
C PRO A 217 -14.07 23.63 -25.36
N ARG A 218 -14.09 24.52 -24.37
CA ARG A 218 -14.86 25.80 -24.45
C ARG A 218 -14.06 26.73 -25.38
N GLU A 219 -12.72 26.65 -25.31
CA GLU A 219 -11.83 27.45 -26.21
C GLU A 219 -10.65 26.56 -26.64
N GLN A 220 -10.17 26.78 -27.86
CA GLN A 220 -9.05 26.01 -28.42
C GLN A 220 -7.75 26.73 -27.99
N ILE A 221 -6.93 26.09 -27.15
CA ILE A 221 -5.67 26.73 -26.67
C ILE A 221 -4.45 25.99 -27.23
N ASP A 222 -3.50 26.75 -27.79
CA ASP A 222 -2.20 26.21 -28.25
C ASP A 222 -1.28 26.33 -27.03
N GLY A 223 -0.90 25.19 -26.45
CA GLY A 223 -0.09 25.15 -25.23
C GLY A 223 1.28 25.82 -25.34
N TYR A 224 1.92 25.70 -26.51
N TYR A 224 1.97 25.67 -26.48
CA TYR A 224 3.27 26.28 -26.74
CA TYR A 224 3.29 26.31 -26.65
C TYR A 224 3.18 27.81 -26.75
C TYR A 224 3.17 27.83 -26.69
N VAL A 225 2.05 28.32 -27.28
CA VAL A 225 1.83 29.80 -27.32
C VAL A 225 1.41 30.26 -25.92
N MET A 226 0.54 29.49 -25.25
CA MET A 226 0.06 29.97 -23.92
C MET A 226 1.21 30.00 -22.90
N HIS A 227 2.14 29.05 -22.94
CA HIS A 227 3.29 29.10 -21.97
C HIS A 227 4.16 30.33 -22.30
N ALA A 228 4.33 30.63 -23.60
CA ALA A 228 5.10 31.82 -24.02
C ALA A 228 4.38 33.07 -23.50
N ASN A 229 3.03 33.04 -23.53
CA ASN A 229 2.23 34.18 -23.03
C ASN A 229 2.44 34.31 -21.52
N TYR A 230 2.49 33.17 -20.82
CA TYR A 230 2.72 33.15 -19.35
C TYR A 230 4.10 33.75 -19.02
N ILE A 231 5.13 33.32 -19.76
N ILE A 231 5.14 33.32 -19.77
CA ILE A 231 6.52 33.83 -19.53
CA ILE A 231 6.52 33.84 -19.50
C ILE A 231 6.57 35.33 -19.86
C ILE A 231 6.58 35.33 -19.87
N PHE A 232 5.87 35.75 -20.92
CA PHE A 232 5.84 37.20 -21.28
C PHE A 232 5.25 37.98 -20.11
N TRP A 233 4.16 37.47 -19.53
CA TRP A 233 3.53 38.15 -18.37
C TRP A 233 4.54 38.23 -17.21
N ARG A 234 5.19 37.10 -16.87
CA ARG A 234 6.14 37.07 -15.74
C ARG A 234 7.31 38.01 -16.00
N ASN A 235 7.78 38.07 -17.25
CA ASN A 235 8.94 38.92 -17.62
C ASN A 235 8.60 40.41 -17.60
N THR A 236 7.34 40.79 -17.80
CA THR A 236 7.03 42.24 -17.92
C THR A 236 6.22 42.78 -16.74
N ASN A 237 5.93 41.93 -15.75
N ASN A 237 5.89 41.92 -15.77
CA ASN A 237 5.14 42.33 -14.56
CA ASN A 237 5.11 42.34 -14.56
C ASN A 237 5.83 41.79 -13.32
C ASN A 237 5.81 41.81 -13.32
N PRO A 238 6.80 42.55 -12.77
CA PRO A 238 7.50 42.11 -11.57
C PRO A 238 6.45 42.05 -10.45
N ILE A 239 6.54 41.00 -9.63
CA ILE A 239 5.61 40.84 -8.49
C ILE A 239 6.46 40.99 -7.23
N GLN A 240 6.08 41.91 -6.36
CA GLN A 240 6.81 42.16 -5.09
C GLN A 240 6.60 40.96 -4.15
N LEU A 241 7.68 40.39 -3.61
CA LEU A 241 7.55 39.31 -2.61
C LEU A 241 6.71 39.84 -1.45
N SER A 242 5.73 39.07 -1.00
CA SER A 242 4.89 39.55 0.14
C SER A 242 4.28 38.36 0.90
N SER A 243 4.30 38.47 2.22
CA SER A 243 3.70 37.46 3.12
C SER A 243 2.54 38.10 3.90
N TYR A 244 2.16 39.32 3.52
N TYR A 244 2.16 39.33 3.53
CA TYR A 244 1.11 40.09 4.25
CA TYR A 244 1.09 40.10 4.22
C TYR A 244 -0.20 39.30 4.40
C TYR A 244 -0.18 39.26 4.42
N SER A 245 -0.67 38.59 3.37
CA SER A 245 -1.95 37.84 3.46
C SER A 245 -1.90 36.73 4.51
N LEU A 246 -0.71 36.28 4.91
CA LEU A 246 -0.60 35.16 5.87
C LEU A 246 -1.01 35.58 7.28
N PHE A 247 -1.03 36.89 7.57
CA PHE A 247 -1.29 37.39 8.96
C PHE A 247 -2.77 37.53 9.28
N ASP A 248 -3.67 37.33 8.32
CA ASP A 248 -5.13 37.40 8.61
C ASP A 248 -5.77 36.12 8.04
N MET A 249 -6.03 35.16 8.94
CA MET A 249 -6.59 33.84 8.61
C MET A 249 -8.07 33.76 9.01
N SER A 250 -8.71 34.90 9.31
CA SER A 250 -10.13 34.88 9.77
C SER A 250 -11.08 34.36 8.68
N LYS A 251 -10.82 34.58 7.40
CA LYS A 251 -11.75 34.10 6.34
C LYS A 251 -11.12 32.95 5.55
N PHE A 252 -10.22 32.18 6.17
CA PHE A 252 -9.45 31.14 5.45
C PHE A 252 -10.25 29.89 5.07
N PRO A 253 -11.07 29.29 5.98
CA PRO A 253 -11.75 28.04 5.66
C PRO A 253 -12.61 28.10 4.38
N LEU A 254 -12.50 27.06 3.53
CA LEU A 254 -13.36 26.98 2.32
C LEU A 254 -14.80 26.79 2.80
N LYS A 255 -15.72 27.65 2.35
CA LYS A 255 -17.15 27.55 2.78
C LYS A 255 -17.80 26.30 2.19
N LEU A 256 -18.41 25.48 3.04
CA LEU A 256 -19.11 24.25 2.58
C LEU A 256 -20.40 24.68 1.89
N ARG A 257 -20.41 24.69 0.56
CA ARG A 257 -21.58 25.15 -0.23
C ARG A 257 -22.62 24.02 -0.33
N GLY A 258 -22.23 22.77 -0.09
CA GLY A 258 -23.16 21.64 -0.22
C GLY A 258 -23.63 21.51 -1.66
N THR A 259 -22.73 21.75 -2.62
CA THR A 259 -23.00 21.70 -4.07
C THR A 259 -23.64 20.37 -4.45
N ALA A 260 -24.69 20.41 -5.28
CA ALA A 260 -25.38 19.17 -5.69
C ALA A 260 -24.45 18.26 -6.50
N VAL A 261 -24.56 16.96 -6.25
CA VAL A 261 -23.82 15.89 -6.98
C VAL A 261 -24.86 15.04 -7.70
N MET A 262 -24.79 14.92 -9.02
CA MET A 262 -25.76 14.10 -9.81
C MET A 262 -24.99 13.21 -10.79
N SER A 263 -25.56 12.05 -11.12
CA SER A 263 -24.91 11.09 -12.07
C SER A 263 -25.65 11.12 -13.41
N LEU A 264 -25.47 12.20 -14.18
CA LEU A 264 -26.11 12.35 -15.51
C LEU A 264 -25.27 11.66 -16.59
N LYS A 265 -25.93 11.10 -17.62
CA LYS A 265 -25.23 10.48 -18.78
C LYS A 265 -24.72 11.60 -19.69
N GLU A 266 -23.75 11.31 -20.56
CA GLU A 266 -23.19 12.33 -21.49
C GLU A 266 -24.29 12.84 -22.45
N GLY A 267 -25.35 12.05 -22.63
CA GLY A 267 -26.46 12.44 -23.51
C GLY A 267 -27.44 13.40 -22.84
N GLN A 268 -27.23 13.66 -21.54
CA GLN A 268 -28.12 14.57 -20.75
C GLN A 268 -27.46 15.94 -20.59
N ILE A 269 -26.14 16.02 -20.81
CA ILE A 269 -25.40 17.31 -20.68
C ILE A 269 -25.93 18.28 -21.74
N ASN A 270 -26.53 19.39 -21.30
CA ASN A 270 -27.09 20.42 -22.23
C ASN A 270 -26.61 21.80 -21.79
N ASP A 271 -27.13 22.85 -22.43
CA ASP A 271 -26.72 24.26 -22.14
C ASP A 271 -27.02 24.62 -20.68
N MET A 272 -28.17 24.20 -20.13
CA MET A 272 -28.50 24.54 -18.72
C MET A 272 -27.51 23.85 -17.77
N ILE A 273 -27.21 22.57 -18.02
CA ILE A 273 -26.24 21.82 -17.16
C ILE A 273 -24.86 22.49 -17.26
N LEU A 274 -24.37 22.73 -18.48
CA LEU A 274 -23.04 23.39 -18.68
C LEU A 274 -23.03 24.73 -17.93
N SER A 275 -24.14 25.47 -18.00
CA SER A 275 -24.26 26.78 -17.30
C SER A 275 -24.18 26.59 -15.78
N LEU A 276 -24.80 25.53 -15.25
CA LEU A 276 -24.76 25.27 -13.78
C LEU A 276 -23.33 24.86 -13.38
N LEU A 277 -22.69 24.02 -14.20
CA LEU A 277 -21.29 23.59 -13.93
C LEU A 277 -20.38 24.83 -13.88
N SER A 278 -20.58 25.75 -14.84
CA SER A 278 -19.74 26.97 -14.99
C SER A 278 -19.84 27.93 -13.80
N LYS A 279 -20.87 27.81 -12.96
CA LYS A 279 -21.07 28.72 -11.80
C LYS A 279 -20.68 28.01 -10.50
N GLY A 280 -20.17 26.78 -10.58
CA GLY A 280 -19.79 26.05 -9.36
C GLY A 280 -21.01 25.57 -8.59
N ARG A 281 -22.15 25.42 -9.26
CA ARG A 281 -23.42 24.99 -8.63
C ARG A 281 -23.70 23.51 -8.92
N LEU A 282 -22.82 22.80 -9.62
CA LEU A 282 -23.14 21.37 -9.91
C LEU A 282 -21.86 20.53 -10.10
N ILE A 283 -21.89 19.32 -9.55
CA ILE A 283 -20.83 18.28 -9.69
C ILE A 283 -21.51 17.10 -10.38
N ILE A 284 -20.90 16.58 -11.46
CA ILE A 284 -21.50 15.41 -12.17
C ILE A 284 -20.52 14.24 -12.08
N ARG A 285 -20.97 13.20 -11.38
CA ARG A 285 -20.23 11.94 -11.17
C ARG A 285 -21.12 11.03 -10.31
N GLU A 286 -20.78 9.75 -10.28
CA GLU A 286 -21.50 8.81 -9.38
C GLU A 286 -20.93 9.02 -7.98
N ASN A 287 -21.56 8.43 -6.96
CA ASN A 287 -21.08 8.58 -5.57
C ASN A 287 -20.84 7.18 -5.02
N ASN A 288 -20.06 6.39 -5.74
CA ASN A 288 -19.71 4.99 -5.35
C ASN A 288 -18.58 5.01 -4.30
N ARG A 289 -18.30 3.84 -3.72
CA ARG A 289 -17.22 3.70 -2.70
C ARG A 289 -15.88 4.14 -3.32
N VAL A 290 -15.18 5.06 -2.64
CA VAL A 290 -13.87 5.60 -3.12
C VAL A 290 -12.81 4.50 -3.05
N VAL A 291 -12.36 4.05 -4.22
CA VAL A 291 -11.34 2.95 -4.37
C VAL A 291 -10.10 3.51 -5.10
N ILE A 292 -8.96 3.47 -4.41
N ILE A 292 -8.95 3.46 -4.43
CA ILE A 292 -7.67 3.98 -4.96
CA ILE A 292 -7.69 3.95 -5.07
C ILE A 292 -6.55 2.99 -4.60
C ILE A 292 -6.54 3.05 -4.61
N SER A 293 -5.50 2.93 -5.43
CA SER A 293 -4.34 2.06 -5.12
C SER A 293 -3.10 2.50 -5.91
N SER A 294 -1.94 2.07 -5.45
N SER A 294 -1.93 2.07 -5.45
CA SER A 294 -0.63 2.32 -6.10
CA SER A 294 -0.64 2.35 -6.12
C SER A 294 -0.01 0.97 -6.46
C SER A 294 0.03 1.00 -6.46
N ASP A 295 0.32 0.77 -7.74
CA ASP A 295 0.95 -0.49 -8.22
C ASP A 295 2.28 -0.73 -7.52
N VAL A 296 2.59 -1.99 -7.26
CA VAL A 296 3.94 -2.34 -6.72
C VAL A 296 4.59 -3.20 -7.80
N LEU A 297 5.85 -2.92 -8.15
CA LEU A 297 6.59 -3.72 -9.16
C LEU A 297 7.10 -4.99 -8.47
N VAL A 298 6.73 -6.16 -9.00
CA VAL A 298 7.14 -7.47 -8.42
C VAL A 298 8.40 -7.96 -9.14
N ASN A 299 9.45 -8.28 -8.37
CA ASN A 299 10.73 -8.78 -8.94
C ASN A 299 11.60 -9.36 -7.81
N ASN A 300 12.58 -10.21 -8.16
CA ASN A 300 13.50 -10.81 -7.15
C ASN A 300 14.79 -9.97 -7.10
N SER B 13 3.32 -13.22 20.66
CA SER B 13 3.28 -13.97 21.95
C SER B 13 4.57 -13.71 22.74
N THR B 14 5.73 -13.89 22.10
CA THR B 14 7.06 -13.66 22.72
C THR B 14 7.67 -12.37 22.15
N VAL B 15 7.04 -11.82 21.09
CA VAL B 15 7.48 -10.54 20.46
C VAL B 15 6.92 -9.40 21.34
N LEU B 16 5.65 -9.52 21.74
CA LEU B 16 4.97 -8.55 22.63
C LEU B 16 5.64 -8.59 24.01
N SER B 17 6.20 -9.75 24.38
CA SER B 17 6.93 -9.93 25.66
C SER B 17 8.19 -9.08 25.62
N PHE B 18 8.93 -9.15 24.49
CA PHE B 18 10.17 -8.36 24.28
C PHE B 18 9.83 -6.87 24.14
N CYS B 19 8.75 -6.57 23.40
CA CYS B 19 8.33 -5.16 23.18
C CYS B 19 7.98 -4.49 24.52
N ALA B 20 7.27 -5.21 25.40
CA ALA B 20 6.84 -4.68 26.72
C ALA B 20 8.05 -4.53 27.66
N PHE B 21 9.23 -5.05 27.29
CA PHE B 21 10.43 -4.96 28.17
C PHE B 21 11.46 -3.94 27.67
N ALA B 22 11.61 -3.77 26.35
CA ALA B 22 12.71 -2.88 25.88
C ALA B 22 12.26 -1.81 24.87
N VAL B 23 11.50 -2.15 23.81
CA VAL B 23 11.16 -1.10 22.79
C VAL B 23 10.04 -0.19 23.30
N ASP B 24 10.41 0.78 24.16
CA ASP B 24 9.46 1.79 24.70
C ASP B 24 9.89 3.13 24.09
N ALA B 25 9.68 3.27 22.78
CA ALA B 25 10.06 4.48 21.99
C ALA B 25 9.81 5.75 22.80
N ALA B 26 8.66 5.84 23.48
CA ALA B 26 8.31 7.04 24.28
C ALA B 26 9.40 7.35 25.30
N LYS B 27 9.84 6.36 26.09
CA LYS B 27 10.86 6.64 27.13
C LYS B 27 12.22 6.89 26.47
N ALA B 28 12.52 6.19 25.37
CA ALA B 28 13.81 6.37 24.65
C ALA B 28 13.99 7.85 24.28
N TYR B 29 12.93 8.47 23.76
CA TYR B 29 12.98 9.90 23.34
C TYR B 29 13.17 10.79 24.57
N LYS B 30 12.47 10.48 25.67
CA LYS B 30 12.58 11.28 26.92
C LYS B 30 14.02 11.21 27.42
N ASP B 31 14.65 10.02 27.35
CA ASP B 31 16.05 9.83 27.79
C ASP B 31 16.98 10.57 26.81
N TYR B 32 16.68 10.46 25.52
CA TYR B 32 17.45 11.14 24.44
C TYR B 32 17.48 12.65 24.71
N LEU B 33 16.32 13.23 25.07
CA LEU B 33 16.23 14.68 25.39
C LEU B 33 17.05 14.99 26.65
N ALA B 34 16.98 14.11 27.65
CA ALA B 34 17.74 14.30 28.92
C ALA B 34 19.25 14.17 28.65
N SER B 35 19.62 13.45 27.59
CA SER B 35 21.06 13.23 27.21
C SER B 35 21.59 14.46 26.46
N GLY B 36 20.73 15.43 26.16
CA GLY B 36 21.10 16.66 25.42
C GLY B 36 20.83 16.53 23.93
N GLY B 37 20.08 15.50 23.52
CA GLY B 37 19.76 15.28 22.09
C GLY B 37 18.80 16.34 21.57
N GLN B 38 19.01 16.81 20.33
CA GLN B 38 18.16 17.86 19.72
C GLN B 38 16.77 17.28 19.41
N PRO B 39 15.68 17.99 19.76
CA PRO B 39 14.32 17.54 19.50
C PRO B 39 13.99 17.28 18.02
N ILE B 40 13.01 16.41 17.75
CA ILE B 40 12.56 16.10 16.36
C ILE B 40 12.06 17.39 15.71
N THR B 41 12.62 17.73 14.55
CA THR B 41 12.27 18.98 13.82
C THR B 41 11.26 18.69 12.70
N ASN B 42 10.91 19.74 11.96
CA ASN B 42 9.99 19.69 10.79
C ASN B 42 8.55 19.40 11.22
N CYS B 43 8.22 19.65 12.48
CA CYS B 43 6.78 19.58 12.88
C CYS B 43 6.10 20.70 12.07
N VAL B 44 5.00 20.41 11.40
CA VAL B 44 4.36 21.41 10.49
C VAL B 44 3.51 22.40 11.29
N LYS B 45 4.03 23.62 11.46
CA LYS B 45 3.28 24.67 12.20
C LYS B 45 2.29 25.34 11.23
N MET B 46 1.04 25.49 11.66
CA MET B 46 -0.01 26.05 10.78
C MET B 46 -0.21 27.55 11.04
N LEU B 47 -0.66 28.27 10.01
CA LEU B 47 -1.05 29.69 10.16
C LEU B 47 -2.49 29.67 10.66
N CYS B 48 -2.78 30.42 11.73
CA CYS B 48 -4.16 30.50 12.27
C CYS B 48 -4.35 31.86 12.93
N THR B 49 -5.57 32.15 13.38
CA THR B 49 -5.92 33.44 14.02
C THR B 49 -5.40 33.52 15.46
N HIS B 50 -5.18 32.37 16.10
CA HIS B 50 -4.76 32.34 17.54
C HIS B 50 -5.88 32.91 18.41
N THR B 51 -7.13 32.68 18.01
CA THR B 51 -8.35 33.11 18.76
C THR B 51 -9.29 31.90 18.81
N GLY B 52 -8.70 30.69 18.83
CA GLY B 52 -9.44 29.42 18.87
C GLY B 52 -9.79 28.98 20.27
N THR B 53 -10.42 27.81 20.41
CA THR B 53 -10.88 27.26 21.72
C THR B 53 -9.69 26.91 22.62
N GLY B 54 -8.51 26.70 22.05
CA GLY B 54 -7.34 26.34 22.86
C GLY B 54 -7.32 24.87 23.27
N GLN B 55 -8.27 24.05 22.78
CA GLN B 55 -8.27 22.60 23.12
C GLN B 55 -7.00 21.93 22.58
N ALA B 56 -6.66 20.75 23.11
CA ALA B 56 -5.42 20.00 22.80
C ALA B 56 -5.37 19.48 21.36
N ILE B 57 -6.28 18.57 20.99
CA ILE B 57 -6.30 17.95 19.63
C ILE B 57 -7.64 18.30 18.99
N THR B 58 -7.63 18.93 17.82
CA THR B 58 -8.88 19.40 17.15
C THR B 58 -8.87 19.07 15.64
N VAL B 59 -10.05 19.10 15.02
CA VAL B 59 -10.23 18.77 13.57
C VAL B 59 -9.70 19.92 12.70
N THR B 60 -9.48 21.09 13.30
CA THR B 60 -8.94 22.29 12.61
C THR B 60 -8.11 23.05 13.63
N PRO B 61 -7.10 23.86 13.22
CA PRO B 61 -6.29 24.63 14.18
C PRO B 61 -7.17 25.41 15.17
N GLU B 62 -6.90 25.27 16.47
CA GLU B 62 -7.68 25.96 17.54
C GLU B 62 -6.74 26.65 18.54
N ALA B 63 -5.53 27.00 18.12
CA ALA B 63 -4.57 27.67 19.03
C ALA B 63 -5.15 28.98 19.58
N ASN B 64 -4.90 29.22 20.86
CA ASN B 64 -5.30 30.52 21.47
C ASN B 64 -4.04 31.41 21.40
N MET B 65 -4.04 32.54 22.08
CA MET B 65 -2.88 33.47 22.01
C MET B 65 -1.63 32.88 22.69
N ASP B 66 -1.79 31.81 23.48
CA ASP B 66 -0.62 31.22 24.19
C ASP B 66 -0.21 29.88 23.57
N GLN B 67 -0.66 29.59 22.34
CA GLN B 67 -0.33 28.28 21.71
C GLN B 67 0.00 28.43 20.23
N GLU B 68 0.63 27.38 19.68
CA GLU B 68 0.92 27.20 18.23
C GLU B 68 0.14 25.97 17.80
N SER B 69 -0.41 25.96 16.59
CA SER B 69 -1.15 24.79 16.06
C SER B 69 -0.23 24.05 15.08
N PHE B 70 -0.17 22.73 15.18
CA PHE B 70 0.68 21.92 14.28
C PHE B 70 -0.13 20.79 13.65
N GLY B 71 0.25 20.41 12.41
CA GLY B 71 -0.34 19.22 11.80
C GLY B 71 -0.03 18.04 12.69
N GLY B 72 -1.04 17.27 13.06
CA GLY B 72 -0.89 16.15 14.03
C GLY B 72 0.14 15.12 13.65
N ALA B 73 0.05 14.55 12.44
CA ALA B 73 0.98 13.47 12.02
C ALA B 73 2.44 13.90 12.21
N SER B 74 2.79 15.14 11.86
CA SER B 74 4.20 15.61 11.97
C SER B 74 4.66 15.69 13.43
N CYS B 75 3.73 15.67 14.39
CA CYS B 75 4.07 15.78 15.84
C CYS B 75 3.92 14.44 16.56
N CYS B 76 3.71 13.35 15.81
CA CYS B 76 3.54 12.00 16.40
C CYS B 76 4.83 11.20 16.30
N LEU B 77 5.43 10.85 17.45
CA LEU B 77 6.70 10.07 17.48
C LEU B 77 6.54 8.78 16.66
N TYR B 78 5.41 8.10 16.82
CA TYR B 78 5.14 6.80 16.16
C TYR B 78 5.00 6.99 14.64
N CYS B 79 4.35 8.07 14.20
CA CYS B 79 4.23 8.35 12.73
C CYS B 79 5.61 8.73 12.17
N ARG B 80 6.30 9.65 12.85
CA ARG B 80 7.63 10.18 12.41
C ARG B 80 8.69 9.08 12.38
N CYS B 81 8.74 8.22 13.39
CA CYS B 81 9.78 7.16 13.46
C CYS B 81 9.34 5.88 12.73
N HIS B 82 8.14 5.89 12.13
CA HIS B 82 7.62 4.71 11.37
C HIS B 82 7.56 3.48 12.29
N ILE B 83 6.95 3.65 13.47
CA ILE B 83 6.79 2.56 14.48
C ILE B 83 5.30 2.36 14.74
N ASP B 84 4.93 1.16 15.20
CA ASP B 84 3.51 0.84 15.52
C ASP B 84 3.05 1.76 16.66
N HIS B 85 1.78 2.17 16.64
CA HIS B 85 1.23 3.02 17.72
C HIS B 85 1.00 2.15 18.96
N PRO B 86 1.25 2.67 20.19
CA PRO B 86 1.13 1.85 21.40
C PRO B 86 -0.30 1.59 21.88
N ASN B 87 -1.06 0.83 21.09
CA ASN B 87 -2.47 0.47 21.44
C ASN B 87 -2.95 -0.64 20.52
N PRO B 88 -3.71 -1.63 21.04
CA PRO B 88 -4.20 -2.75 20.24
C PRO B 88 -4.56 -2.41 18.78
N LYS B 89 -5.50 -1.49 18.57
CA LYS B 89 -5.95 -1.11 17.20
C LYS B 89 -4.81 -0.41 16.43
N GLY B 90 -3.77 0.06 17.14
CA GLY B 90 -2.66 0.76 16.47
C GLY B 90 -3.15 2.07 15.87
N PHE B 91 -4.17 2.67 16.50
CA PHE B 91 -4.79 3.94 16.04
C PHE B 91 -3.93 5.13 16.47
N CYS B 92 -3.96 6.20 15.66
CA CYS B 92 -3.22 7.46 15.95
C CYS B 92 -4.25 8.54 16.28
N ASP B 93 -4.08 9.25 17.39
CA ASP B 93 -5.04 10.33 17.78
C ASP B 93 -4.51 11.69 17.30
N LEU B 94 -3.45 11.73 16.49
CA LEU B 94 -2.90 13.03 16.01
C LEU B 94 -3.11 13.15 14.49
N LYS B 95 -2.75 12.09 13.75
CA LYS B 95 -2.84 12.05 12.26
C LYS B 95 -4.20 12.55 11.78
N GLY B 96 -4.22 13.50 10.83
CA GLY B 96 -5.49 14.04 10.29
C GLY B 96 -6.09 15.13 11.17
N LYS B 97 -5.46 15.43 12.31
CA LYS B 97 -5.98 16.48 13.22
C LYS B 97 -4.88 17.53 13.47
N TYR B 98 -5.17 18.48 14.36
CA TYR B 98 -4.24 19.56 14.71
C TYR B 98 -4.02 19.56 16.21
N VAL B 99 -2.76 19.55 16.62
CA VAL B 99 -2.39 19.55 18.06
C VAL B 99 -1.98 20.98 18.43
N GLN B 100 -2.57 21.51 19.50
CA GLN B 100 -2.21 22.85 20.03
C GLN B 100 -1.11 22.64 21.07
N ILE B 101 0.02 23.34 20.91
CA ILE B 101 1.19 23.22 21.83
C ILE B 101 1.43 24.58 22.48
N PRO B 102 1.64 24.66 23.82
CA PRO B 102 1.97 25.94 24.44
C PRO B 102 3.20 26.52 23.72
N THR B 103 3.18 27.83 23.43
CA THR B 103 4.30 28.47 22.69
C THR B 103 5.64 28.20 23.39
N THR B 104 5.64 28.17 24.73
CA THR B 104 6.87 27.93 25.53
C THR B 104 7.44 26.54 25.22
N CYS B 105 6.63 25.63 24.69
CA CYS B 105 7.06 24.23 24.38
C CYS B 105 7.04 23.95 22.87
N ALA B 106 6.71 24.94 22.04
CA ALA B 106 6.59 24.73 20.58
C ALA B 106 7.92 24.29 19.95
N ASN B 107 9.03 24.37 20.70
CA ASN B 107 10.36 23.95 20.15
C ASN B 107 10.44 22.41 20.09
N ASP B 108 9.58 21.71 20.82
CA ASP B 108 9.58 20.22 20.84
C ASP B 108 8.14 19.72 20.94
N PRO B 109 7.34 19.82 19.86
CA PRO B 109 5.96 19.34 19.88
C PRO B 109 5.85 17.82 20.12
N VAL B 110 6.75 17.04 19.53
CA VAL B 110 6.71 15.55 19.70
C VAL B 110 6.88 15.23 21.18
N GLY B 111 7.86 15.86 21.82
CA GLY B 111 8.13 15.64 23.27
C GLY B 111 6.96 16.11 24.13
N PHE B 112 6.29 17.19 23.71
CA PHE B 112 5.17 17.72 24.54
C PHE B 112 3.98 16.74 24.54
N THR B 113 3.62 16.20 23.37
CA THR B 113 2.47 15.26 23.26
C THR B 113 2.74 13.98 24.06
N LEU B 114 4.00 13.52 24.10
CA LEU B 114 4.35 12.28 24.84
C LEU B 114 4.29 12.51 26.35
N LYS B 115 4.94 13.57 26.83
CA LYS B 115 5.04 13.90 28.27
C LYS B 115 3.73 14.44 28.85
N ASN B 116 2.71 14.71 28.02
CA ASN B 116 1.42 15.24 28.58
C ASN B 116 0.25 14.39 28.10
N THR B 117 -0.89 14.52 28.79
CA THR B 117 -2.16 13.80 28.48
C THR B 117 -3.33 14.81 28.42
N VAL B 118 -4.30 14.54 27.56
CA VAL B 118 -5.48 15.42 27.38
C VAL B 118 -6.53 15.13 28.45
N CYS B 119 -7.19 16.18 28.96
CA CYS B 119 -8.28 16.03 29.96
C CYS B 119 -9.49 15.44 29.21
N THR B 120 -9.96 14.26 29.64
CA THR B 120 -11.12 13.59 29.00
C THR B 120 -12.39 14.43 29.17
N VAL B 121 -12.44 15.29 30.20
CA VAL B 121 -13.64 16.12 30.50
C VAL B 121 -13.72 17.34 29.56
N CYS B 122 -12.80 18.30 29.72
CA CYS B 122 -12.81 19.57 28.93
C CYS B 122 -12.09 19.44 27.58
N GLY B 123 -11.17 18.47 27.43
CA GLY B 123 -10.40 18.31 26.17
C GLY B 123 -9.21 19.25 26.10
N MET B 124 -8.74 19.75 27.25
CA MET B 124 -7.58 20.66 27.34
C MET B 124 -6.39 19.87 27.88
N TRP B 125 -5.16 20.36 27.69
CA TRP B 125 -3.97 19.66 28.26
C TRP B 125 -3.99 19.81 29.78
N LYS B 126 -3.63 18.74 30.51
CA LYS B 126 -3.59 18.81 32.00
C LYS B 126 -2.36 19.63 32.41
N GLY B 127 -2.58 20.69 33.19
CA GLY B 127 -1.48 21.57 33.64
C GLY B 127 -1.20 22.69 32.66
N TYR B 128 -1.89 22.68 31.51
CA TYR B 128 -1.71 23.73 30.47
C TYR B 128 -3.07 24.10 29.85
N GLY B 129 -4.02 24.55 30.67
CA GLY B 129 -5.34 24.96 30.13
C GLY B 129 -6.51 24.34 30.90
N CYS B 130 -6.37 23.09 31.34
CA CYS B 130 -7.46 22.41 32.10
C CYS B 130 -7.68 23.12 33.44
N SER B 131 -8.90 23.60 33.69
CA SER B 131 -9.26 24.29 34.96
C SER B 131 -10.36 23.51 35.68
N CYS B 132 -10.44 22.20 35.44
CA CYS B 132 -11.48 21.34 36.09
C CYS B 132 -11.21 21.19 37.59
N ASP B 133 -9.96 21.37 38.05
CA ASP B 133 -9.60 21.19 39.47
C ASP B 133 -9.47 22.52 40.22
N GLN B 134 -9.99 23.64 39.68
CA GLN B 134 -9.85 24.91 40.44
C GLN B 134 -11.01 25.01 41.45
N LEU B 135 -10.85 25.84 42.48
CA LEU B 135 -11.86 26.02 43.55
C LEU B 135 -13.16 26.58 42.95
N ARG B 136 -14.29 26.30 43.62
CA ARG B 136 -15.66 26.76 43.22
C ARG B 136 -15.70 28.29 43.13
N GLU B 137 -16.04 28.84 41.96
CA GLU B 137 -16.16 30.33 41.82
C GLU B 137 -17.46 30.81 42.44
N PRO B 138 -17.49 32.01 43.07
CA PRO B 138 -18.74 32.59 43.54
C PRO B 138 -19.50 32.88 42.25
N MET B 139 -20.79 32.53 42.22
CA MET B 139 -21.65 32.69 41.02
C MET B 139 -21.64 34.15 40.55
N LEU B 140 -21.79 34.34 39.24
CA LEU B 140 -21.78 35.69 38.60
C LEU B 140 -23.12 35.93 37.91
N GLN B 141 -23.71 37.11 38.14
CA GLN B 141 -25.01 37.50 37.51
C GLN B 141 -24.80 37.59 36.00
N SER C 3 -1.35 -49.58 5.06
CA SER C 3 -1.88 -48.67 3.99
C SER C 3 -0.71 -48.16 3.14
N SER C 4 -0.68 -48.53 1.85
CA SER C 4 0.40 -48.09 0.91
C SER C 4 0.34 -46.57 0.72
N GLN C 5 -0.86 -45.99 0.90
CA GLN C 5 -1.07 -44.52 0.78
C GLN C 5 -0.26 -43.78 1.83
N ALA C 6 0.13 -44.45 2.91
CA ALA C 6 0.85 -43.80 4.04
C ALA C 6 2.20 -43.24 3.59
N TRP C 7 2.76 -43.75 2.49
CA TRP C 7 4.09 -43.28 1.99
C TRP C 7 3.93 -42.12 1.02
N GLN C 8 2.71 -41.92 0.52
CA GLN C 8 2.43 -40.80 -0.38
C GLN C 8 2.41 -39.51 0.45
N PRO C 9 2.55 -38.33 -0.18
CA PRO C 9 2.44 -37.07 0.55
C PRO C 9 0.98 -36.85 0.98
N GLY C 10 0.06 -37.57 0.33
CA GLY C 10 -1.38 -37.49 0.63
C GLY C 10 -2.17 -38.39 -0.29
N VAL C 11 -3.48 -38.17 -0.37
CA VAL C 11 -4.39 -39.01 -1.21
C VAL C 11 -5.26 -38.12 -2.09
N ALA C 12 -5.36 -38.46 -3.37
CA ALA C 12 -6.19 -37.73 -4.36
C ALA C 12 -7.53 -38.45 -4.49
N MET C 13 -8.62 -37.68 -4.61
CA MET C 13 -9.98 -38.24 -4.79
C MET C 13 -10.00 -39.13 -6.02
N PRO C 14 -10.30 -40.45 -5.89
CA PRO C 14 -10.33 -41.33 -7.06
C PRO C 14 -11.41 -40.95 -8.09
N ASN C 15 -11.13 -41.26 -9.36
CA ASN C 15 -12.00 -40.91 -10.50
C ASN C 15 -13.43 -41.43 -10.32
N LEU C 16 -13.61 -42.64 -9.80
CA LEU C 16 -15.01 -43.17 -9.68
C LEU C 16 -15.82 -42.32 -8.72
N TYR C 17 -15.18 -41.76 -7.68
CA TYR C 17 -15.90 -40.89 -6.71
C TYR C 17 -16.34 -39.59 -7.40
N LYS C 18 -15.53 -39.08 -8.32
CA LYS C 18 -15.87 -37.82 -9.04
C LYS C 18 -17.09 -38.02 -9.94
N MET C 19 -17.35 -39.25 -10.39
CA MET C 19 -18.47 -39.55 -11.33
C MET C 19 -19.78 -39.92 -10.60
N GLN C 20 -19.82 -39.80 -9.26
CA GLN C 20 -21.06 -40.15 -8.52
C GLN C 20 -22.05 -38.97 -8.57
N ARG C 21 -23.26 -39.17 -8.05
CA ARG C 21 -24.27 -38.08 -8.00
C ARG C 21 -24.84 -38.09 -6.57
N MET C 22 -23.96 -37.88 -5.60
CA MET C 22 -24.35 -37.93 -4.16
C MET C 22 -25.03 -36.64 -3.70
N LEU C 23 -25.83 -36.76 -2.65
CA LEU C 23 -26.47 -35.61 -1.98
C LEU C 23 -25.51 -35.19 -0.87
N LEU C 24 -25.50 -33.91 -0.51
CA LEU C 24 -24.56 -33.42 0.52
C LEU C 24 -24.92 -33.99 1.89
N GLU C 25 -23.96 -34.65 2.55
CA GLU C 25 -24.19 -35.20 3.91
C GLU C 25 -23.19 -34.55 4.87
N LYS C 26 -23.44 -34.72 6.16
CA LYS C 26 -22.52 -34.19 7.20
C LYS C 26 -21.18 -34.95 7.07
N CYS C 27 -20.06 -34.26 7.20
CA CYS C 27 -18.76 -34.98 7.14
C CYS C 27 -18.49 -35.59 8.52
N ASP C 28 -18.24 -36.89 8.56
CA ASP C 28 -18.01 -37.63 9.83
C ASP C 28 -16.75 -38.47 9.66
N LEU C 29 -15.59 -37.91 10.00
CA LEU C 29 -14.29 -38.62 9.81
C LEU C 29 -14.00 -39.47 11.04
N GLN C 30 -13.71 -40.75 10.78
CA GLN C 30 -13.37 -41.76 11.81
C GLN C 30 -12.30 -41.19 12.76
N ASN C 31 -11.33 -40.45 12.24
CA ASN C 31 -10.23 -39.90 13.08
C ASN C 31 -10.33 -38.37 13.24
N TYR C 32 -11.52 -37.79 13.09
CA TYR C 32 -11.66 -36.30 13.15
C TYR C 32 -10.94 -35.69 14.35
N GLY C 33 -10.03 -34.75 14.08
CA GLY C 33 -9.31 -34.00 15.14
C GLY C 33 -7.95 -34.55 15.50
N ASP C 34 -7.70 -35.86 15.28
CA ASP C 34 -6.39 -36.48 15.64
C ASP C 34 -5.22 -35.66 15.11
N SER C 35 -4.11 -35.66 15.86
N SER C 35 -4.10 -35.65 15.86
CA SER C 35 -2.87 -34.91 15.50
CA SER C 35 -2.88 -34.91 15.49
C SER C 35 -1.80 -35.88 14.99
C SER C 35 -1.80 -35.87 14.99
N ALA C 36 -1.17 -35.56 13.85
CA ALA C 36 -0.10 -36.41 13.28
C ALA C 36 1.20 -36.14 14.05
N THR C 37 2.11 -37.12 14.06
CA THR C 37 3.43 -36.91 14.73
C THR C 37 4.36 -36.30 13.68
N LEU C 38 4.79 -35.06 13.90
CA LEU C 38 5.64 -34.34 12.93
C LEU C 38 7.10 -34.39 13.34
N PRO C 39 8.06 -34.23 12.39
CA PRO C 39 9.48 -34.19 12.76
C PRO C 39 9.62 -33.07 13.80
N LYS C 40 10.50 -33.29 14.76
CA LYS C 40 10.77 -32.37 15.89
C LYS C 40 10.92 -30.91 15.43
N GLY C 41 10.13 -30.01 16.03
CA GLY C 41 10.19 -28.56 15.78
C GLY C 41 9.57 -28.11 14.47
N ILE C 42 8.91 -28.99 13.73
CA ILE C 42 8.29 -28.59 12.43
C ILE C 42 6.82 -28.18 12.65
N MET C 43 6.45 -27.00 12.16
CA MET C 43 5.06 -26.47 12.25
C MET C 43 4.12 -27.29 11.36
N MET C 44 2.85 -27.35 11.75
CA MET C 44 1.80 -28.07 10.99
C MET C 44 1.76 -27.57 9.53
N ASN C 45 1.78 -26.25 9.31
CA ASN C 45 1.67 -25.72 7.92
C ASN C 45 2.96 -25.92 7.13
N VAL C 46 4.13 -26.01 7.78
CA VAL C 46 5.34 -26.35 6.98
C VAL C 46 5.14 -27.80 6.46
N ALA C 47 4.72 -28.72 7.33
CA ALA C 47 4.49 -30.12 6.92
C ALA C 47 3.41 -30.19 5.84
N LYS C 48 2.30 -29.46 6.04
CA LYS C 48 1.14 -29.48 5.10
C LYS C 48 1.55 -28.95 3.73
N TYR C 49 2.13 -27.75 3.68
CA TYR C 49 2.57 -27.20 2.37
C TYR C 49 3.65 -28.09 1.77
N THR C 50 4.53 -28.67 2.58
CA THR C 50 5.57 -29.56 2.00
C THR C 50 4.87 -30.72 1.27
N GLN C 51 3.86 -31.34 1.89
CA GLN C 51 3.15 -32.46 1.23
C GLN C 51 2.39 -31.95 0.00
N LEU C 52 1.78 -30.77 0.06
CA LEU C 52 1.10 -30.24 -1.16
C LEU C 52 2.11 -30.12 -2.30
N CYS C 53 3.26 -29.51 -2.02
CA CYS C 53 4.32 -29.33 -3.05
C CYS C 53 4.85 -30.69 -3.53
N GLN C 54 5.01 -31.66 -2.63
CA GLN C 54 5.47 -32.99 -3.04
C GLN C 54 4.45 -33.59 -4.02
N TYR C 55 3.16 -33.35 -3.77
CA TYR C 55 2.14 -33.88 -4.70
C TYR C 55 2.16 -33.09 -6.01
N LEU C 56 2.30 -31.76 -5.95
CA LEU C 56 2.32 -30.94 -7.19
C LEU C 56 3.52 -31.35 -8.06
N ASN C 57 4.60 -31.84 -7.45
CA ASN C 57 5.78 -32.31 -8.21
C ASN C 57 5.40 -33.49 -9.11
N THR C 58 4.33 -34.24 -8.78
CA THR C 58 3.99 -35.44 -9.61
C THR C 58 3.07 -35.06 -10.78
N LEU C 59 2.67 -33.79 -10.90
CA LEU C 59 1.71 -33.39 -11.97
C LEU C 59 2.47 -32.76 -13.15
N THR C 60 1.74 -32.23 -14.13
CA THR C 60 2.36 -31.63 -15.34
C THR C 60 2.33 -30.10 -15.21
N LEU C 61 2.87 -29.56 -14.11
CA LEU C 61 2.90 -28.09 -13.95
C LEU C 61 3.84 -27.46 -14.97
N ALA C 62 3.40 -26.35 -15.56
CA ALA C 62 4.26 -25.54 -16.44
C ALA C 62 5.19 -24.77 -15.50
N VAL C 63 6.50 -24.74 -15.78
CA VAL C 63 7.47 -24.04 -14.87
C VAL C 63 8.39 -23.17 -15.73
N PRO C 64 7.90 -21.99 -16.17
CA PRO C 64 8.73 -21.10 -16.97
C PRO C 64 9.76 -20.33 -16.16
N TYR C 65 10.69 -19.69 -16.86
CA TYR C 65 11.62 -18.75 -16.20
C TYR C 65 10.76 -17.61 -15.66
N ASN C 66 11.13 -17.03 -14.52
CA ASN C 66 10.32 -15.94 -13.91
C ASN C 66 8.85 -16.34 -13.78
N MET C 67 8.63 -17.56 -13.29
CA MET C 67 7.27 -18.06 -13.05
C MET C 67 6.54 -17.09 -12.12
N ARG C 68 5.25 -16.85 -12.38
CA ARG C 68 4.44 -15.91 -11.57
C ARG C 68 3.54 -16.71 -10.63
N VAL C 69 3.84 -16.66 -9.34
CA VAL C 69 3.08 -17.42 -8.31
C VAL C 69 2.45 -16.43 -7.34
N ILE C 70 1.15 -16.59 -7.09
CA ILE C 70 0.45 -15.72 -6.11
C ILE C 70 -0.15 -16.62 -5.03
N HIS C 71 0.11 -16.26 -3.77
CA HIS C 71 -0.31 -17.07 -2.60
C HIS C 71 -1.31 -16.29 -1.74
N PHE C 72 -2.58 -16.67 -1.79
CA PHE C 72 -3.64 -16.00 -0.99
C PHE C 72 -3.80 -16.72 0.35
N GLY C 73 -4.14 -15.97 1.40
CA GLY C 73 -4.30 -16.57 2.75
C GLY C 73 -2.96 -17.05 3.29
N ALA C 74 -1.91 -16.24 3.09
CA ALA C 74 -0.53 -16.57 3.49
C ALA C 74 -0.23 -16.17 4.93
N GLY C 75 -1.09 -15.36 5.56
CA GLY C 75 -0.85 -14.93 6.95
C GLY C 75 -1.25 -16.00 7.95
N SER C 76 -0.95 -15.77 9.23
CA SER C 76 -1.32 -16.74 10.28
C SER C 76 -1.42 -16.01 11.61
N ASP C 77 -2.03 -16.66 12.60
CA ASP C 77 -2.14 -16.10 13.97
C ASP C 77 -0.75 -15.94 14.57
N LYS C 78 0.27 -16.55 13.96
CA LYS C 78 1.67 -16.48 14.45
C LYS C 78 2.34 -15.19 13.96
N GLY C 79 1.75 -14.53 12.96
CA GLY C 79 2.32 -13.29 12.39
C GLY C 79 3.39 -13.58 11.34
N VAL C 80 3.62 -14.85 11.02
CA VAL C 80 4.62 -15.25 9.99
C VAL C 80 3.89 -16.02 8.89
N ALA C 81 4.61 -16.44 7.83
CA ALA C 81 3.98 -17.14 6.70
C ALA C 81 4.69 -18.47 6.43
N PRO C 82 4.38 -19.54 7.18
CA PRO C 82 5.01 -20.84 7.00
C PRO C 82 4.87 -21.37 5.57
N GLY C 83 3.65 -21.32 5.03
CA GLY C 83 3.37 -21.77 3.66
C GLY C 83 4.19 -21.01 2.63
N THR C 84 4.29 -19.69 2.77
CA THR C 84 5.09 -18.90 1.81
C THR C 84 6.55 -19.37 1.87
N ALA C 85 7.06 -19.60 3.09
CA ALA C 85 8.45 -20.06 3.25
C ALA C 85 8.65 -21.40 2.52
N VAL C 86 7.64 -22.28 2.57
CA VAL C 86 7.76 -23.59 1.87
C VAL C 86 7.69 -23.36 0.36
N LEU C 87 6.75 -22.53 -0.10
CA LEU C 87 6.62 -22.26 -1.56
C LEU C 87 7.93 -21.68 -2.09
N ARG C 88 8.57 -20.79 -1.33
CA ARG C 88 9.82 -20.16 -1.81
C ARG C 88 10.93 -21.22 -1.84
N GLN C 89 10.89 -22.16 -0.91
CA GLN C 89 11.91 -23.25 -0.89
C GLN C 89 11.69 -24.13 -2.12
N TRP C 90 10.43 -24.45 -2.38
CA TRP C 90 10.02 -25.37 -3.48
C TRP C 90 10.24 -24.76 -4.87
N LEU C 91 9.80 -23.52 -5.07
CA LEU C 91 9.88 -22.89 -6.41
C LEU C 91 11.32 -22.60 -6.80
N PRO C 92 11.63 -22.66 -8.11
CA PRO C 92 12.97 -22.33 -8.60
C PRO C 92 13.38 -20.91 -8.18
N THR C 93 14.65 -20.74 -7.81
CA THR C 93 15.16 -19.39 -7.49
C THR C 93 14.88 -18.55 -8.74
N GLY C 94 14.38 -17.33 -8.58
CA GLY C 94 14.05 -16.50 -9.76
C GLY C 94 12.55 -16.48 -9.95
N THR C 95 11.83 -17.39 -9.31
CA THR C 95 10.34 -17.37 -9.42
C THR C 95 9.80 -16.13 -8.70
N LEU C 96 8.84 -15.44 -9.31
CA LEU C 96 8.21 -14.27 -8.65
C LEU C 96 7.14 -14.81 -7.70
N LEU C 97 7.24 -14.49 -6.41
CA LEU C 97 6.27 -14.99 -5.40
C LEU C 97 5.63 -13.81 -4.68
N VAL C 98 4.31 -13.66 -4.84
CA VAL C 98 3.54 -12.60 -4.16
C VAL C 98 2.56 -13.28 -3.22
N ASP C 99 2.42 -12.76 -1.99
CA ASP C 99 1.44 -13.38 -1.06
C ASP C 99 0.52 -12.28 -0.53
N SER C 100 -0.61 -12.72 0.04
CA SER C 100 -1.64 -11.76 0.54
C SER C 100 -2.41 -12.36 1.70
N ASP C 101 -3.00 -11.48 2.51
CA ASP C 101 -3.83 -11.90 3.66
C ASP C 101 -4.57 -10.67 4.16
N LEU C 102 -5.73 -10.91 4.79
N LEU C 102 -5.73 -10.90 4.78
CA LEU C 102 -6.55 -9.83 5.37
CA LEU C 102 -6.55 -9.83 5.40
C LEU C 102 -5.75 -9.13 6.47
C LEU C 102 -5.70 -9.10 6.45
N ASN C 103 -4.92 -9.89 7.20
CA ASN C 103 -4.12 -9.37 8.34
C ASN C 103 -2.63 -9.27 8.00
N ASP C 104 -1.96 -8.30 8.61
CA ASP C 104 -0.51 -8.05 8.39
C ASP C 104 0.27 -9.27 8.90
N PHE C 105 1.47 -9.50 8.33
CA PHE C 105 2.34 -10.63 8.73
C PHE C 105 3.72 -10.43 8.11
N VAL C 106 4.72 -11.16 8.59
CA VAL C 106 6.13 -11.12 8.09
C VAL C 106 6.26 -12.22 7.02
N SER C 107 6.75 -11.88 5.83
CA SER C 107 6.81 -12.84 4.71
C SER C 107 8.16 -12.88 4.00
N ASP C 108 8.44 -14.01 3.35
CA ASP C 108 9.66 -14.23 2.53
C ASP C 108 9.28 -13.98 1.06
N ALA C 109 8.03 -13.59 0.81
CA ALA C 109 7.58 -13.33 -0.58
C ALA C 109 8.26 -12.09 -1.15
N ASP C 110 8.30 -11.98 -2.48
CA ASP C 110 8.88 -10.79 -3.15
C ASP C 110 8.03 -9.56 -2.81
N SER C 111 6.71 -9.75 -2.74
CA SER C 111 5.77 -8.65 -2.39
C SER C 111 4.64 -9.24 -1.53
N THR C 112 4.13 -8.44 -0.60
CA THR C 112 3.03 -8.86 0.31
C THR C 112 1.93 -7.79 0.29
N LEU C 113 0.70 -8.18 -0.04
CA LEU C 113 -0.47 -7.27 -0.07
C LEU C 113 -1.35 -7.59 1.14
N ILE C 114 -1.65 -6.57 1.94
CA ILE C 114 -2.52 -6.74 3.15
C ILE C 114 -3.91 -6.19 2.81
N GLY C 115 -4.94 -6.99 3.08
CA GLY C 115 -6.33 -6.55 2.83
C GLY C 115 -7.17 -7.69 2.29
N ASP C 116 -8.47 -7.47 2.21
CA ASP C 116 -9.39 -8.50 1.65
C ASP C 116 -8.88 -8.80 0.24
N CYS C 117 -8.83 -10.08 -0.13
CA CYS C 117 -8.33 -10.45 -1.48
C CYS C 117 -9.18 -9.75 -2.56
N ALA C 118 -10.42 -9.37 -2.21
CA ALA C 118 -11.32 -8.69 -3.17
C ALA C 118 -10.76 -7.31 -3.55
N THR C 119 -9.81 -6.79 -2.76
CA THR C 119 -9.18 -5.46 -3.03
C THR C 119 -7.89 -5.63 -3.83
N VAL C 120 -7.56 -6.87 -4.21
CA VAL C 120 -6.28 -7.13 -4.94
C VAL C 120 -6.53 -7.04 -6.45
N HIS C 121 -5.75 -6.18 -7.11
CA HIS C 121 -5.82 -5.99 -8.58
C HIS C 121 -4.47 -6.32 -9.22
N THR C 122 -4.51 -6.79 -10.47
CA THR C 122 -3.28 -7.11 -11.23
C THR C 122 -3.61 -6.93 -12.71
N ALA C 123 -2.67 -6.39 -13.48
CA ALA C 123 -2.85 -6.23 -14.94
C ALA C 123 -2.21 -7.43 -15.65
N ASN C 124 -1.74 -8.40 -14.87
CA ASN C 124 -0.98 -9.55 -15.43
C ASN C 124 -1.69 -10.89 -15.24
N LYS C 125 -1.32 -11.87 -16.06
CA LYS C 125 -1.79 -13.26 -15.90
C LYS C 125 -0.72 -13.99 -15.06
N TRP C 126 -1.17 -14.90 -14.20
CA TRP C 126 -0.28 -15.67 -13.28
C TRP C 126 -0.17 -17.11 -13.75
N ASP C 127 0.87 -17.81 -13.28
CA ASP C 127 1.20 -19.19 -13.74
C ASP C 127 0.75 -20.21 -12.70
N LEU C 128 0.65 -19.78 -11.44
CA LEU C 128 0.26 -20.71 -10.34
C LEU C 128 -0.43 -19.88 -9.25
N ILE C 129 -1.60 -20.35 -8.84
CA ILE C 129 -2.37 -19.70 -7.75
C ILE C 129 -2.48 -20.69 -6.60
N ILE C 130 -2.01 -20.30 -5.42
CA ILE C 130 -2.17 -21.14 -4.21
C ILE C 130 -3.08 -20.35 -3.27
N SER C 131 -4.13 -20.98 -2.74
CA SER C 131 -5.00 -20.31 -1.74
C SER C 131 -5.17 -21.18 -0.50
N ASP C 132 -4.90 -20.59 0.66
CA ASP C 132 -5.15 -21.27 1.96
C ASP C 132 -6.16 -20.41 2.72
N MET C 133 -6.88 -19.55 1.99
CA MET C 133 -7.88 -18.66 2.63
C MET C 133 -8.99 -19.51 3.27
N TYR C 134 -9.40 -19.09 4.46
CA TYR C 134 -10.49 -19.74 5.23
C TYR C 134 -11.10 -18.66 6.13
N ASP C 135 -12.42 -18.42 5.98
CA ASP C 135 -13.15 -17.39 6.76
C ASP C 135 -13.49 -17.97 8.13
N PRO C 136 -12.98 -17.35 9.22
CA PRO C 136 -13.27 -17.83 10.58
C PRO C 136 -14.77 -18.07 10.85
N LYS C 137 -15.63 -17.23 10.26
CA LYS C 137 -17.10 -17.29 10.45
C LYS C 137 -17.70 -18.59 9.87
N THR C 138 -16.97 -19.28 8.98
CA THR C 138 -17.47 -20.56 8.40
C THR C 138 -17.65 -21.59 9.52
N LYS C 139 -16.91 -21.40 10.63
CA LYS C 139 -17.00 -22.30 11.81
C LYS C 139 -18.38 -22.17 12.47
N ASN C 140 -19.02 -21.02 12.30
CA ASN C 140 -20.37 -20.77 12.89
C ASN C 140 -21.41 -21.46 11.99
N VAL C 141 -21.49 -22.79 12.05
CA VAL C 141 -22.46 -23.59 11.24
C VAL C 141 -23.84 -23.45 11.89
N THR C 142 -24.47 -22.28 11.69
CA THR C 142 -25.83 -21.99 12.23
C THR C 142 -26.87 -22.27 11.15
N LYS C 143 -26.42 -22.66 9.94
CA LYS C 143 -27.32 -22.87 8.79
C LYS C 143 -26.92 -24.11 8.00
N GLU C 144 -27.62 -24.31 6.87
CA GLU C 144 -27.38 -25.42 5.92
C GLU C 144 -25.97 -25.22 5.34
N ASN C 145 -25.36 -26.30 4.85
CA ASN C 145 -23.99 -26.19 4.26
C ASN C 145 -24.14 -25.79 2.79
N ASP C 146 -24.36 -24.49 2.54
CA ASP C 146 -24.54 -23.97 1.17
C ASP C 146 -23.19 -23.52 0.59
N SER C 147 -23.14 -23.30 -0.72
CA SER C 147 -21.94 -22.79 -1.43
C SER C 147 -21.58 -21.43 -0.81
N LYS C 148 -20.31 -21.21 -0.45
CA LYS C 148 -19.90 -19.94 0.20
C LYS C 148 -19.52 -18.94 -0.91
N GLU C 149 -19.88 -17.66 -0.74
CA GLU C 149 -19.64 -16.63 -1.80
C GLU C 149 -18.87 -15.41 -1.29
N GLY C 150 -17.80 -15.60 -0.53
CA GLY C 150 -16.95 -14.48 -0.09
C GLY C 150 -15.69 -14.47 -0.93
N PHE C 151 -14.55 -14.84 -0.36
CA PHE C 151 -13.29 -14.86 -1.14
C PHE C 151 -13.41 -15.86 -2.30
N PHE C 152 -14.30 -16.88 -2.20
CA PHE C 152 -14.40 -17.83 -3.33
C PHE C 152 -14.88 -17.14 -4.61
N THR C 153 -15.76 -16.14 -4.54
CA THR C 153 -16.20 -15.48 -5.80
C THR C 153 -15.00 -14.73 -6.38
N TYR C 154 -14.12 -14.19 -5.53
CA TYR C 154 -12.91 -13.47 -6.03
C TYR C 154 -11.99 -14.48 -6.73
N ILE C 155 -11.73 -15.61 -6.09
N ILE C 155 -11.74 -15.62 -6.09
CA ILE C 155 -10.85 -16.67 -6.69
CA ILE C 155 -10.86 -16.69 -6.66
C ILE C 155 -11.41 -17.13 -8.04
C ILE C 155 -11.41 -17.13 -8.02
N CYS C 156 -12.73 -17.33 -8.13
CA CYS C 156 -13.34 -17.77 -9.42
C CYS C 156 -13.06 -16.70 -10.49
N GLY C 157 -13.23 -15.41 -10.14
CA GLY C 157 -12.96 -14.34 -11.11
C GLY C 157 -11.49 -14.26 -11.47
N PHE C 158 -10.61 -14.49 -10.49
CA PHE C 158 -9.14 -14.41 -10.71
C PHE C 158 -8.70 -15.55 -11.65
N ILE C 159 -9.27 -16.75 -11.47
CA ILE C 159 -8.95 -17.89 -12.36
C ILE C 159 -9.42 -17.59 -13.79
N GLN C 160 -10.61 -16.98 -13.92
CA GLN C 160 -11.16 -16.73 -15.28
C GLN C 160 -10.50 -15.55 -15.98
N GLN C 161 -9.85 -14.63 -15.25
CA GLN C 161 -9.29 -13.41 -15.91
C GLN C 161 -7.77 -13.29 -15.75
N LYS C 162 -7.20 -13.80 -14.66
CA LYS C 162 -5.76 -13.56 -14.37
C LYS C 162 -4.94 -14.85 -14.33
N LEU C 163 -5.44 -15.94 -14.89
CA LEU C 163 -4.63 -17.19 -14.90
C LEU C 163 -4.20 -17.47 -16.34
N ALA C 164 -2.89 -17.62 -16.55
CA ALA C 164 -2.37 -17.92 -17.91
C ALA C 164 -2.88 -19.28 -18.38
N LEU C 165 -3.11 -19.44 -19.68
CA LEU C 165 -3.46 -20.79 -20.18
C LEU C 165 -2.22 -21.66 -19.88
N GLY C 166 -2.45 -22.88 -19.36
CA GLY C 166 -1.35 -23.78 -18.98
C GLY C 166 -1.04 -23.64 -17.50
N GLY C 167 -1.53 -22.58 -16.87
CA GLY C 167 -1.30 -22.34 -15.43
C GLY C 167 -2.07 -23.33 -14.57
N SER C 168 -1.75 -23.37 -13.27
CA SER C 168 -2.41 -24.32 -12.34
C SER C 168 -2.84 -23.62 -11.05
N VAL C 169 -3.72 -24.27 -10.30
CA VAL C 169 -4.21 -23.71 -9.01
C VAL C 169 -4.30 -24.84 -7.97
N ALA C 170 -4.11 -24.47 -6.71
CA ALA C 170 -4.33 -25.34 -5.53
C ALA C 170 -5.10 -24.46 -4.54
N ILE C 171 -6.42 -24.70 -4.43
CA ILE C 171 -7.31 -23.85 -3.59
C ILE C 171 -7.82 -24.67 -2.40
N LYS C 172 -7.57 -24.19 -1.19
CA LYS C 172 -7.98 -24.97 0.01
C LYS C 172 -9.49 -24.87 0.24
N ILE C 173 -10.10 -26.02 0.51
CA ILE C 173 -11.54 -26.12 0.86
C ILE C 173 -11.65 -27.00 2.10
N THR C 174 -12.85 -27.02 2.70
CA THR C 174 -13.16 -27.88 3.87
C THR C 174 -14.60 -28.32 3.68
N GLU C 175 -15.15 -29.10 4.61
CA GLU C 175 -16.59 -29.48 4.50
C GLU C 175 -17.48 -28.24 4.33
N HIS C 176 -17.21 -27.18 5.10
CA HIS C 176 -18.07 -25.96 5.07
C HIS C 176 -17.46 -24.82 4.25
N SER C 177 -16.13 -24.82 4.05
CA SER C 177 -15.50 -23.75 3.25
C SER C 177 -15.35 -24.24 1.81
N TRP C 178 -16.38 -24.02 0.99
CA TRP C 178 -16.33 -24.49 -0.42
C TRP C 178 -17.22 -23.59 -1.28
N ASN C 179 -17.12 -23.76 -2.60
CA ASN C 179 -17.91 -22.96 -3.56
C ASN C 179 -18.24 -23.83 -4.77
N ALA C 180 -19.50 -23.79 -5.21
CA ALA C 180 -19.95 -24.62 -6.36
C ALA C 180 -19.29 -24.13 -7.66
N ASP C 181 -19.12 -22.83 -7.83
CA ASP C 181 -18.51 -22.29 -9.08
C ASP C 181 -17.05 -22.73 -9.17
N LEU C 182 -16.32 -22.77 -8.05
CA LEU C 182 -14.90 -23.21 -8.06
C LEU C 182 -14.83 -24.65 -8.57
N TYR C 183 -15.69 -25.53 -8.06
CA TYR C 183 -15.69 -26.92 -8.60
C TYR C 183 -16.01 -26.91 -10.08
N LYS C 184 -16.97 -26.10 -10.51
CA LYS C 184 -17.32 -26.03 -11.95
C LYS C 184 -16.05 -25.63 -12.74
N LEU C 185 -15.28 -24.66 -12.24
CA LEU C 185 -14.04 -24.19 -12.94
C LEU C 185 -12.98 -25.29 -13.01
N MET C 186 -13.01 -26.29 -12.11
CA MET C 186 -12.03 -27.40 -12.19
C MET C 186 -12.17 -28.06 -13.57
N GLY C 187 -13.36 -27.98 -14.17
CA GLY C 187 -13.60 -28.57 -15.50
C GLY C 187 -12.98 -27.74 -16.64
N HIS C 188 -12.37 -26.60 -16.31
CA HIS C 188 -11.71 -25.71 -17.30
C HIS C 188 -10.21 -26.01 -17.35
N PHE C 189 -9.78 -27.06 -16.67
CA PHE C 189 -8.35 -27.48 -16.64
C PHE C 189 -8.23 -28.83 -17.36
N ALA C 190 -7.02 -29.17 -17.78
CA ALA C 190 -6.79 -30.46 -18.47
C ALA C 190 -7.09 -31.60 -17.50
N TRP C 191 -6.90 -31.36 -16.21
CA TRP C 191 -7.12 -32.40 -15.17
C TRP C 191 -7.33 -31.70 -13.83
N TRP C 192 -8.00 -32.37 -12.89
CA TRP C 192 -8.24 -31.78 -11.56
C TRP C 192 -8.42 -32.88 -10.53
N THR C 193 -8.23 -32.52 -9.26
CA THR C 193 -8.54 -33.48 -8.17
C THR C 193 -8.75 -32.72 -6.87
N ALA C 194 -9.20 -33.44 -5.85
CA ALA C 194 -9.28 -32.93 -4.47
C ALA C 194 -8.18 -33.71 -3.75
N PHE C 195 -7.15 -33.01 -3.28
CA PHE C 195 -6.00 -33.66 -2.63
C PHE C 195 -6.00 -33.40 -1.12
N VAL C 196 -5.85 -34.47 -0.35
CA VAL C 196 -5.83 -34.44 1.14
C VAL C 196 -4.40 -34.72 1.58
N THR C 197 -3.79 -33.83 2.36
CA THR C 197 -2.41 -34.07 2.84
C THR C 197 -2.46 -35.18 3.88
N ASN C 198 -1.48 -36.07 3.87
CA ASN C 198 -1.45 -37.16 4.88
C ASN C 198 -1.28 -36.59 6.29
N VAL C 199 -0.60 -35.45 6.47
CA VAL C 199 -0.43 -34.93 7.87
C VAL C 199 -1.74 -34.34 8.38
N ASN C 200 -2.72 -34.07 7.51
CA ASN C 200 -3.98 -33.47 8.02
C ASN C 200 -5.17 -34.33 7.55
N ALA C 201 -4.95 -35.63 7.42
CA ALA C 201 -6.01 -36.55 6.95
C ALA C 201 -7.20 -36.59 7.92
N SER C 202 -7.03 -36.09 9.14
CA SER C 202 -8.10 -36.06 10.18
C SER C 202 -9.02 -34.85 10.00
N SER C 203 -8.73 -34.02 9.01
CA SER C 203 -9.54 -32.80 8.70
C SER C 203 -10.29 -33.01 7.39
N SER C 204 -11.43 -32.34 7.22
CA SER C 204 -12.20 -32.37 5.95
C SER C 204 -11.49 -31.49 4.93
N GLU C 205 -10.40 -30.85 5.35
CA GLU C 205 -9.60 -30.00 4.43
C GLU C 205 -9.11 -30.80 3.23
N ALA C 206 -9.06 -30.14 2.08
CA ALA C 206 -8.50 -30.69 0.82
C ALA C 206 -8.08 -29.50 -0.05
N PHE C 207 -7.14 -29.75 -0.96
CA PHE C 207 -6.78 -28.69 -1.93
C PHE C 207 -7.41 -29.05 -3.27
N LEU C 208 -8.28 -28.19 -3.79
CA LEU C 208 -8.81 -28.41 -5.15
C LEU C 208 -7.70 -28.00 -6.10
N ILE C 209 -7.21 -28.97 -6.88
CA ILE C 209 -6.07 -28.72 -7.79
C ILE C 209 -6.55 -28.76 -9.23
N GLY C 210 -6.35 -27.66 -9.94
CA GLY C 210 -6.64 -27.52 -11.38
C GLY C 210 -5.31 -27.55 -12.09
N CYS C 211 -5.09 -28.55 -12.93
CA CYS C 211 -3.76 -28.67 -13.58
C CYS C 211 -3.87 -28.31 -15.08
N ASN C 212 -3.19 -27.22 -15.49
CA ASN C 212 -3.11 -26.76 -16.90
C ASN C 212 -4.45 -26.16 -17.37
N TYR C 213 -4.62 -24.85 -17.12
CA TYR C 213 -5.85 -24.08 -17.46
C TYR C 213 -6.03 -24.00 -18.97
N LEU C 214 -7.25 -24.31 -19.44
CA LEU C 214 -7.55 -24.32 -20.90
C LEU C 214 -8.41 -23.12 -21.30
N GLY C 215 -8.89 -22.34 -20.32
CA GLY C 215 -9.67 -21.12 -20.62
C GLY C 215 -11.08 -21.42 -21.10
N LYS C 216 -11.52 -22.67 -21.00
CA LYS C 216 -12.89 -23.05 -21.43
C LYS C 216 -13.26 -24.39 -20.79
N PRO C 217 -14.56 -24.70 -20.63
CA PRO C 217 -14.96 -25.96 -20.02
C PRO C 217 -14.62 -27.18 -20.89
N ARG C 218 -13.69 -28.00 -20.42
CA ARG C 218 -13.32 -29.27 -21.10
C ARG C 218 -14.41 -30.28 -20.75
N GLU C 219 -14.96 -30.16 -19.54
CA GLU C 219 -16.08 -31.02 -19.08
C GLU C 219 -16.99 -30.15 -18.20
N GLN C 220 -18.28 -30.48 -18.18
CA GLN C 220 -19.27 -29.72 -17.38
C GLN C 220 -19.34 -30.37 -15.99
N ILE C 221 -19.09 -29.58 -14.93
CA ILE C 221 -19.12 -30.11 -13.54
C ILE C 221 -20.18 -29.34 -12.73
N ASP C 222 -21.09 -30.08 -12.08
CA ASP C 222 -22.07 -29.47 -11.15
C ASP C 222 -21.31 -29.39 -9.82
N GLY C 223 -21.02 -28.17 -9.36
N GLY C 223 -21.02 -28.17 -9.36
CA GLY C 223 -20.26 -27.95 -8.12
CA GLY C 223 -20.26 -27.95 -8.12
C GLY C 223 -20.96 -28.48 -6.87
C GLY C 223 -20.96 -28.48 -6.87
N TYR C 224 -22.29 -28.34 -6.79
CA TYR C 224 -23.04 -28.83 -5.60
C TYR C 224 -22.88 -30.34 -5.50
N VAL C 225 -23.02 -31.02 -6.64
N VAL C 225 -23.02 -31.02 -6.64
CA VAL C 225 -22.88 -32.50 -6.69
CA VAL C 225 -22.88 -32.50 -6.69
C VAL C 225 -21.43 -32.90 -6.43
C VAL C 225 -21.43 -32.90 -6.43
N MET C 226 -20.46 -32.18 -6.99
CA MET C 226 -19.04 -32.58 -6.80
C MET C 226 -18.65 -32.43 -5.32
N HIS C 227 -19.10 -31.39 -4.62
CA HIS C 227 -18.74 -31.29 -3.17
C HIS C 227 -19.38 -32.46 -2.41
N ALA C 228 -20.62 -32.80 -2.74
CA ALA C 228 -21.28 -33.94 -2.05
C ALA C 228 -20.47 -35.21 -2.33
N ASN C 229 -19.96 -35.35 -3.56
CA ASN C 229 -19.14 -36.53 -3.95
C ASN C 229 -17.85 -36.53 -3.13
N TYR C 230 -17.26 -35.36 -2.92
CA TYR C 230 -16.02 -35.22 -2.14
C TYR C 230 -16.26 -35.69 -0.69
N ILE C 231 -17.36 -35.21 -0.08
N ILE C 231 -17.35 -35.21 -0.06
CA ILE C 231 -17.68 -35.58 1.34
CA ILE C 231 -17.65 -35.59 1.35
C ILE C 231 -18.02 -37.08 1.43
C ILE C 231 -18.04 -37.07 1.44
N PHE C 232 -18.65 -37.61 0.37
CA PHE C 232 -18.98 -39.06 0.37
C PHE C 232 -17.66 -39.85 0.37
N TRP C 233 -16.71 -39.43 -0.47
CA TRP C 233 -15.38 -40.09 -0.52
C TRP C 233 -14.70 -40.01 0.86
N ARG C 234 -14.65 -38.82 1.45
CA ARG C 234 -13.97 -38.63 2.78
C ARG C 234 -14.68 -39.46 3.86
N ASN C 235 -16.01 -39.50 3.84
CA ASN C 235 -16.80 -40.25 4.85
C ASN C 235 -16.61 -41.76 4.72
N THR C 236 -16.37 -42.27 3.51
CA THR C 236 -16.26 -43.74 3.32
C THR C 236 -14.80 -44.20 3.16
N ASN C 237 -13.83 -43.28 3.12
CA ASN C 237 -12.41 -43.70 2.96
C ASN C 237 -11.53 -43.05 4.02
N PRO C 238 -11.42 -43.65 5.22
CA PRO C 238 -10.59 -43.10 6.27
C PRO C 238 -9.15 -43.02 5.75
N ILE C 239 -8.48 -41.90 5.98
CA ILE C 239 -7.06 -41.78 5.55
C ILE C 239 -6.21 -41.80 6.82
N GLN C 240 -5.22 -42.68 6.83
CA GLN C 240 -4.28 -42.85 7.97
C GLN C 240 -3.39 -41.61 8.07
N LEU C 241 -3.39 -40.93 9.22
CA LEU C 241 -2.49 -39.77 9.42
C LEU C 241 -1.06 -40.23 9.13
N SER C 242 -0.31 -39.48 8.33
CA SER C 242 1.09 -39.91 8.05
C SER C 242 1.98 -38.70 7.72
N SER C 243 3.20 -38.73 8.24
CA SER C 243 4.22 -37.69 7.96
C SER C 243 5.45 -38.36 7.34
N TYR C 244 5.28 -39.62 6.91
N TYR C 244 5.31 -39.61 6.90
CA TYR C 244 6.39 -40.43 6.33
CA TYR C 244 6.49 -40.38 6.42
C TYR C 244 7.12 -39.69 5.20
C TYR C 244 7.11 -39.76 5.16
N SER C 245 6.36 -39.05 4.31
CA SER C 245 6.94 -38.38 3.11
C SER C 245 7.85 -37.19 3.49
N LEU C 246 7.72 -36.69 4.72
CA LEU C 246 8.48 -35.49 5.14
C LEU C 246 9.94 -35.82 5.47
N PHE C 247 10.26 -37.11 5.65
CA PHE C 247 11.62 -37.52 6.08
C PHE C 247 12.58 -37.67 4.89
N ASP C 248 12.09 -37.60 3.65
N ASP C 248 12.03 -37.59 3.68
CA ASP C 248 13.06 -37.66 2.52
CA ASP C 248 12.79 -37.67 2.40
C ASP C 248 12.72 -36.49 1.58
C ASP C 248 12.58 -36.38 1.61
N MET C 249 13.52 -35.43 1.71
CA MET C 249 13.38 -34.15 0.97
C MET C 249 14.36 -34.09 -0.22
N SER C 250 14.99 -35.21 -0.57
CA SER C 250 16.01 -35.22 -1.66
C SER C 250 15.42 -34.76 -3.00
N LYS C 251 14.20 -35.14 -3.35
CA LYS C 251 13.65 -34.71 -4.68
C LYS C 251 12.56 -33.64 -4.50
N PHE C 252 12.71 -32.77 -3.51
CA PHE C 252 11.63 -31.80 -3.20
C PHE C 252 11.55 -30.62 -4.18
N PRO C 253 12.67 -29.94 -4.52
CA PRO C 253 12.60 -28.75 -5.35
C PRO C 253 11.85 -28.95 -6.67
N LEU C 254 10.97 -28.02 -7.00
CA LEU C 254 10.26 -28.08 -8.30
C LEU C 254 11.32 -27.86 -9.38
N LYS C 255 11.38 -28.72 -10.38
CA LYS C 255 12.42 -28.58 -11.42
C LYS C 255 12.06 -27.43 -12.35
N LEU C 256 13.00 -26.49 -12.54
CA LEU C 256 12.79 -25.38 -13.51
C LEU C 256 12.80 -26.02 -14.90
N ARG C 257 11.79 -25.75 -15.71
CA ARG C 257 11.73 -26.37 -17.06
C ARG C 257 11.96 -25.32 -18.14
N GLY C 258 11.91 -24.04 -17.78
CA GLY C 258 12.01 -22.95 -18.77
C GLY C 258 10.88 -23.09 -19.78
N THR C 259 9.70 -23.51 -19.29
CA THR C 259 8.50 -23.75 -20.14
C THR C 259 8.29 -22.56 -21.07
N ALA C 260 8.06 -22.85 -22.35
CA ALA C 260 7.83 -21.79 -23.35
C ALA C 260 6.63 -20.93 -22.97
N VAL C 261 6.81 -19.61 -23.07
CA VAL C 261 5.72 -18.63 -22.81
C VAL C 261 5.44 -17.92 -24.14
N MET C 262 4.20 -18.01 -24.63
CA MET C 262 3.83 -17.37 -25.92
C MET C 262 2.60 -16.49 -25.73
N SER C 263 2.54 -15.37 -26.46
CA SER C 263 1.39 -14.44 -26.38
C SER C 263 0.44 -14.71 -27.54
N LEU C 264 -0.21 -15.87 -27.54
CA LEU C 264 -1.20 -16.23 -28.59
C LEU C 264 -2.53 -15.55 -28.23
N LYS C 265 -3.36 -15.28 -29.24
CA LYS C 265 -4.66 -14.58 -29.03
C LYS C 265 -5.80 -15.57 -29.31
N GLU C 266 -6.98 -15.33 -28.72
CA GLU C 266 -8.15 -16.22 -28.96
C GLU C 266 -8.36 -16.36 -30.46
N GLY C 267 -8.41 -17.60 -30.95
CA GLY C 267 -8.55 -17.89 -32.39
C GLY C 267 -7.34 -18.69 -32.87
N GLN C 268 -6.21 -18.49 -32.20
CA GLN C 268 -4.94 -19.22 -32.50
C GLN C 268 -4.87 -20.43 -31.58
N ILE C 269 -5.67 -20.44 -30.51
CA ILE C 269 -5.70 -21.56 -29.53
C ILE C 269 -6.45 -22.74 -30.17
N ASN C 270 -5.74 -23.51 -31.01
CA ASN C 270 -6.34 -24.68 -31.72
C ASN C 270 -6.20 -25.92 -30.82
N ASP C 271 -6.62 -27.08 -31.33
CA ASP C 271 -6.55 -28.36 -30.57
C ASP C 271 -5.09 -28.71 -30.26
N MET C 272 -4.20 -28.41 -31.21
CA MET C 272 -2.75 -28.70 -31.06
C MET C 272 -2.20 -27.89 -29.88
N ILE C 273 -2.55 -26.60 -29.81
CA ILE C 273 -2.10 -25.73 -28.67
C ILE C 273 -2.70 -26.30 -27.37
N LEU C 274 -4.00 -26.64 -27.37
CA LEU C 274 -4.65 -27.20 -26.16
C LEU C 274 -3.89 -28.46 -25.72
N SER C 275 -3.39 -29.24 -26.68
CA SER C 275 -2.63 -30.47 -26.34
C SER C 275 -1.33 -30.10 -25.62
N LEU C 276 -0.59 -29.10 -26.11
CA LEU C 276 0.68 -28.69 -25.44
C LEU C 276 0.37 -28.15 -24.04
N LEU C 277 -0.68 -27.35 -23.91
CA LEU C 277 -1.09 -26.78 -22.59
C LEU C 277 -1.39 -27.94 -21.63
N SER C 278 -2.08 -28.97 -22.11
CA SER C 278 -2.53 -30.12 -21.28
C SER C 278 -1.35 -30.99 -20.80
N LYS C 279 -0.18 -30.84 -21.41
CA LYS C 279 1.02 -31.65 -21.04
C LYS C 279 1.99 -30.82 -20.21
N GLY C 280 1.62 -29.58 -19.86
CA GLY C 280 2.50 -28.70 -19.08
C GLY C 280 3.70 -28.24 -19.87
N ARG C 281 3.58 -28.17 -21.20
CA ARG C 281 4.73 -27.78 -22.08
C ARG C 281 4.57 -26.35 -22.62
N LEU C 282 3.49 -25.65 -22.24
CA LEU C 282 3.29 -24.29 -22.79
C LEU C 282 2.48 -23.44 -21.81
N ILE C 283 2.86 -22.16 -21.73
CA ILE C 283 2.15 -21.10 -20.95
C ILE C 283 1.74 -20.04 -21.97
N ILE C 284 0.47 -19.67 -22.01
CA ILE C 284 0.03 -18.59 -22.96
C ILE C 284 -0.37 -17.37 -22.13
N ARG C 285 0.37 -16.28 -22.35
CA ARG C 285 0.12 -14.97 -21.69
C ARG C 285 1.18 -13.99 -22.20
N GLU C 286 0.91 -12.70 -22.06
CA GLU C 286 1.92 -11.69 -22.43
C GLU C 286 3.00 -11.72 -21.34
N ASN C 287 4.09 -10.99 -21.56
N ASN C 287 4.08 -10.97 -21.55
CA ASN C 287 5.23 -10.93 -20.62
CA ASN C 287 5.22 -10.95 -20.60
C ASN C 287 5.52 -9.47 -20.26
C ASN C 287 5.52 -9.48 -20.23
N ASN C 288 4.50 -8.77 -19.74
CA ASN C 288 4.63 -7.34 -19.35
C ASN C 288 5.14 -7.23 -17.91
N ARG C 289 5.57 -6.03 -17.50
CA ARG C 289 6.01 -5.76 -16.11
C ARG C 289 4.93 -6.31 -15.17
N VAL C 290 5.34 -7.06 -14.14
CA VAL C 290 4.36 -7.66 -13.19
C VAL C 290 3.96 -6.59 -12.18
N VAL C 291 2.70 -6.13 -12.28
CA VAL C 291 2.19 -5.08 -11.36
C VAL C 291 0.97 -5.61 -10.59
N ILE C 292 0.96 -5.36 -9.28
N ILE C 292 0.94 -5.37 -9.28
CA ILE C 292 -0.14 -5.78 -8.36
CA ILE C 292 -0.21 -5.79 -8.43
C ILE C 292 -0.44 -4.60 -7.43
C ILE C 292 -0.42 -4.68 -7.40
N SER C 293 -1.64 -4.56 -6.88
CA SER C 293 -1.97 -3.48 -5.91
C SER C 293 -3.14 -3.91 -5.03
N SER C 294 -3.27 -3.23 -3.89
CA SER C 294 -4.35 -3.47 -2.91
C SER C 294 -5.14 -2.17 -2.72
N ASP C 295 -6.41 -2.16 -3.12
CA ASP C 295 -7.28 -0.96 -2.95
C ASP C 295 -7.25 -0.49 -1.49
N VAL C 296 -7.22 0.82 -1.28
CA VAL C 296 -7.36 1.35 0.11
C VAL C 296 -8.76 1.98 0.15
N LEU C 297 -9.57 1.64 1.16
CA LEU C 297 -10.91 2.28 1.29
C LEU C 297 -10.70 3.61 2.01
N VAL C 298 -11.09 4.72 1.37
CA VAL C 298 -10.90 6.07 1.98
C VAL C 298 -12.23 6.55 2.56
N ASN C 299 -12.21 7.08 3.79
CA ASN C 299 -13.42 7.59 4.49
C ASN C 299 -13.02 8.27 5.80
N CYS D 19 17.14 15.91 13.17
CA CYS D 19 17.52 15.39 14.52
C CYS D 19 18.59 14.29 14.36
N ALA D 20 18.67 13.36 15.33
CA ALA D 20 19.63 12.24 15.30
C ALA D 20 19.10 11.08 16.15
N PHE D 21 17.81 11.12 16.51
CA PHE D 21 17.17 10.06 17.33
C PHE D 21 16.92 8.82 16.48
N ALA D 22 17.09 7.64 17.08
CA ALA D 22 16.87 6.34 16.39
C ALA D 22 16.72 5.24 17.45
N VAL D 23 15.66 4.43 17.35
CA VAL D 23 15.39 3.33 18.32
C VAL D 23 16.42 2.21 18.13
N ASP D 24 17.04 1.76 19.23
CA ASP D 24 18.06 0.66 19.22
C ASP D 24 17.39 -0.62 19.71
N ALA D 25 16.89 -1.45 18.77
CA ALA D 25 16.18 -2.71 19.12
C ALA D 25 17.17 -3.88 19.28
N ALA D 26 18.26 -3.87 18.52
CA ALA D 26 19.28 -4.95 18.54
C ALA D 26 19.81 -5.21 19.96
N LYS D 27 20.58 -4.26 20.50
CA LYS D 27 21.21 -4.41 21.85
C LYS D 27 20.11 -4.59 22.91
N ALA D 28 18.94 -3.98 22.69
CA ALA D 28 17.78 -4.06 23.61
C ALA D 28 17.35 -5.52 23.82
N TYR D 29 17.32 -6.31 22.75
CA TYR D 29 16.91 -7.75 22.82
C TYR D 29 18.00 -8.56 23.54
N LYS D 30 19.26 -8.19 23.35
CA LYS D 30 20.41 -8.89 24.01
C LYS D 30 20.27 -8.70 25.53
N ASP D 31 19.68 -7.58 25.95
CA ASP D 31 19.45 -7.28 27.39
C ASP D 31 18.26 -8.12 27.89
N TYR D 32 17.22 -8.20 27.06
CA TYR D 32 15.97 -8.98 27.36
C TYR D 32 16.34 -10.44 27.65
N LEU D 33 17.22 -11.04 26.84
CA LEU D 33 17.65 -12.44 27.06
C LEU D 33 18.45 -12.54 28.36
N ALA D 34 19.39 -11.61 28.57
CA ALA D 34 20.21 -11.58 29.82
C ALA D 34 19.28 -11.47 31.04
N SER D 35 18.18 -10.72 30.90
CA SER D 35 17.19 -10.53 31.99
C SER D 35 16.31 -11.78 32.16
N GLY D 36 16.60 -12.84 31.39
CA GLY D 36 15.81 -14.09 31.45
C GLY D 36 14.55 -14.01 30.62
N GLY D 37 14.55 -13.15 29.58
CA GLY D 37 13.38 -13.00 28.71
C GLY D 37 13.21 -14.19 27.79
N GLN D 38 11.96 -14.54 27.47
CA GLN D 38 11.63 -15.69 26.57
C GLN D 38 12.00 -15.34 25.14
N PRO D 39 12.91 -16.10 24.48
CA PRO D 39 13.30 -15.84 23.10
C PRO D 39 12.12 -15.77 22.12
N ILE D 40 12.23 -14.93 21.09
CA ILE D 40 11.17 -14.79 20.05
C ILE D 40 10.91 -16.18 19.44
N THR D 41 9.63 -16.58 19.42
CA THR D 41 9.20 -17.92 18.91
C THR D 41 8.59 -17.79 17.51
N ASN D 42 8.16 -18.93 16.96
CA ASN D 42 7.49 -19.01 15.63
C ASN D 42 8.49 -18.74 14.49
N CYS D 43 9.79 -18.93 14.73
CA CYS D 43 10.75 -18.87 13.60
C CYS D 43 10.39 -20.08 12.74
N VAL D 44 10.21 -19.89 11.43
CA VAL D 44 9.72 -21.01 10.56
C VAL D 44 10.87 -21.97 10.20
N LYS D 45 10.91 -23.13 10.85
CA LYS D 45 11.97 -24.14 10.55
C LYS D 45 11.52 -24.95 9.31
N MET D 46 12.42 -25.11 8.36
CA MET D 46 12.07 -25.82 7.10
C MET D 46 12.47 -27.29 7.19
N LEU D 47 11.80 -28.13 6.39
CA LEU D 47 12.20 -29.54 6.21
C LEU D 47 13.28 -29.54 5.13
N CYS D 48 14.39 -30.23 5.34
CA CYS D 48 15.46 -30.29 4.31
C CYS D 48 16.27 -31.57 4.49
N THR D 49 17.22 -31.83 3.60
CA THR D 49 18.05 -33.07 3.65
C THR D 49 19.16 -32.98 4.69
N HIS D 50 19.57 -31.76 5.09
CA HIS D 50 20.73 -31.57 6.02
C HIS D 50 22.01 -32.05 5.33
N THR D 51 22.07 -31.93 4.01
CA THR D 51 23.26 -32.26 3.19
C THR D 51 23.72 -30.99 2.47
N GLY D 52 23.38 -29.81 3.01
CA GLY D 52 23.70 -28.52 2.38
C GLY D 52 25.12 -28.03 2.62
N THR D 53 25.47 -26.90 2.01
CA THR D 53 26.81 -26.26 2.09
C THR D 53 27.13 -25.77 3.50
N GLY D 54 26.10 -25.49 4.30
CA GLY D 54 26.31 -24.98 5.67
C GLY D 54 26.54 -23.48 5.70
N GLN D 55 26.34 -22.78 4.57
CA GLN D 55 26.53 -21.31 4.55
C GLN D 55 25.42 -20.64 5.37
N ALA D 56 25.71 -19.45 5.90
CA ALA D 56 24.82 -18.70 6.82
C ALA D 56 23.47 -18.32 6.20
N ILE D 57 23.47 -17.52 5.15
CA ILE D 57 22.21 -17.03 4.52
C ILE D 57 22.21 -17.45 3.05
N THR D 58 21.24 -18.28 2.64
CA THR D 58 21.22 -18.86 1.28
C THR D 58 19.87 -18.69 0.60
N VAL D 59 19.83 -18.95 -0.71
CA VAL D 59 18.59 -18.77 -1.52
C VAL D 59 17.62 -19.92 -1.24
N THR D 60 18.13 -21.06 -0.77
CA THR D 60 17.32 -22.26 -0.45
C THR D 60 17.93 -22.90 0.79
N PRO D 61 17.20 -23.68 1.61
CA PRO D 61 17.79 -24.32 2.80
C PRO D 61 19.10 -25.05 2.44
N GLU D 62 20.18 -24.75 3.18
CA GLU D 62 21.53 -25.33 2.97
C GLU D 62 22.07 -25.86 4.32
N ALA D 63 21.17 -26.20 5.24
CA ALA D 63 21.63 -26.75 6.54
C ALA D 63 22.44 -28.02 6.33
N ASN D 64 23.50 -28.17 7.12
CA ASN D 64 24.30 -29.42 7.12
C ASN D 64 23.75 -30.23 8.31
N MET D 65 24.40 -31.34 8.68
CA MET D 65 23.89 -32.15 9.82
C MET D 65 24.04 -31.41 11.16
N ASP D 66 24.82 -30.34 11.22
CA ASP D 66 25.03 -29.62 12.51
C ASP D 66 24.16 -28.36 12.53
N GLN D 67 23.18 -28.26 11.63
CA GLN D 67 22.35 -27.02 11.55
C GLN D 67 20.87 -27.30 11.24
N GLU D 68 20.06 -26.25 11.42
CA GLU D 68 18.62 -26.21 11.08
C GLU D 68 18.44 -25.00 10.14
N SER D 69 17.59 -25.14 9.12
CA SER D 69 17.32 -24.02 8.17
C SER D 69 15.97 -23.38 8.54
N PHE D 70 15.92 -22.04 8.55
CA PHE D 70 14.67 -21.33 8.87
C PHE D 70 14.36 -20.27 7.81
N GLY D 71 13.08 -19.98 7.59
CA GLY D 71 12.70 -18.86 6.71
C GLY D 71 13.33 -17.60 7.30
N GLY D 72 14.06 -16.83 6.50
CA GLY D 72 14.79 -15.66 7.01
C GLY D 72 13.93 -14.60 7.65
N ALA D 73 12.85 -14.19 6.98
CA ALA D 73 11.99 -13.11 7.54
C ALA D 73 11.59 -13.42 8.99
N SER D 74 11.21 -14.67 9.27
CA SER D 74 10.76 -15.07 10.63
C SER D 74 11.89 -14.99 11.67
N CYS D 75 13.15 -14.91 11.23
CA CYS D 75 14.32 -14.87 12.15
C CYS D 75 14.90 -13.46 12.25
N CYS D 76 14.23 -12.47 11.65
CA CYS D 76 14.75 -11.07 11.63
C CYS D 76 14.03 -10.21 12.67
N LEU D 77 14.76 -9.78 13.71
CA LEU D 77 14.20 -8.93 14.80
C LEU D 77 13.44 -7.73 14.19
N TYR D 78 14.03 -7.09 13.19
CA TYR D 78 13.45 -5.88 12.55
C TYR D 78 12.13 -6.23 11.82
N CYS D 79 12.11 -7.32 11.05
CA CYS D 79 10.85 -7.74 10.36
C CYS D 79 9.78 -8.09 11.41
N ARG D 80 10.16 -8.89 12.41
CA ARG D 80 9.23 -9.39 13.46
C ARG D 80 8.73 -8.27 14.37
N CYS D 81 9.51 -7.21 14.58
CA CYS D 81 9.06 -6.10 15.46
C CYS D 81 8.45 -4.96 14.65
N HIS D 82 8.33 -5.14 13.33
CA HIS D 82 7.74 -4.11 12.43
C HIS D 82 8.48 -2.77 12.62
N ILE D 83 9.81 -2.82 12.61
N ILE D 83 9.81 -2.83 12.60
CA ILE D 83 10.67 -1.61 12.76
CA ILE D 83 10.70 -1.64 12.78
C ILE D 83 11.64 -1.53 11.57
C ILE D 83 11.62 -1.54 11.55
N ASP D 84 12.08 -0.32 11.23
CA ASP D 84 12.99 -0.09 10.07
C ASP D 84 14.30 -0.86 10.27
N HIS D 85 14.93 -1.27 9.17
CA HIS D 85 16.22 -2.01 9.20
C HIS D 85 17.36 -1.00 9.35
N PRO D 86 18.40 -1.32 10.16
CA PRO D 86 19.50 -0.38 10.41
C PRO D 86 20.49 -0.16 9.26
N ASN D 87 20.06 0.53 8.19
CA ASN D 87 20.93 0.86 7.04
C ASN D 87 20.19 1.85 6.15
N PRO D 88 20.91 2.72 5.40
CA PRO D 88 20.28 3.73 4.53
C PRO D 88 19.05 3.28 3.73
N LYS D 89 19.22 2.31 2.81
CA LYS D 89 18.09 1.83 1.96
C LYS D 89 17.03 1.10 2.80
N GLY D 90 17.39 0.60 3.99
CA GLY D 90 16.43 -0.15 4.83
C GLY D 90 16.20 -1.56 4.27
N PHE D 91 17.28 -2.17 3.77
CA PHE D 91 17.27 -3.52 3.14
C PHE D 91 17.43 -4.63 4.20
N CYS D 92 16.67 -5.71 4.05
CA CYS D 92 16.76 -6.88 4.98
C CYS D 92 17.63 -7.95 4.32
N ASP D 93 18.62 -8.47 5.05
CA ASP D 93 19.52 -9.51 4.48
C ASP D 93 18.93 -10.91 4.67
N LEU D 94 17.84 -11.06 5.45
CA LEU D 94 17.25 -12.40 5.73
C LEU D 94 15.97 -12.65 4.94
N LYS D 95 15.11 -11.63 4.83
CA LYS D 95 13.80 -11.72 4.13
C LYS D 95 13.97 -12.39 2.76
N GLY D 96 13.17 -13.40 2.45
CA GLY D 96 13.23 -14.08 1.13
C GLY D 96 14.38 -15.05 1.01
N LYS D 97 15.17 -15.25 2.07
CA LYS D 97 16.30 -16.21 2.03
C LYS D 97 16.12 -17.21 3.18
N TYR D 98 17.10 -18.09 3.39
CA TYR D 98 17.03 -19.13 4.45
C TYR D 98 18.27 -18.97 5.33
N VAL D 99 18.06 -18.98 6.64
CA VAL D 99 19.22 -18.80 7.56
C VAL D 99 19.52 -20.14 8.24
N GLN D 100 20.79 -20.57 8.17
CA GLN D 100 21.24 -21.83 8.80
C GLN D 100 21.69 -21.51 10.22
N ILE D 101 21.06 -22.15 11.21
CA ILE D 101 21.36 -21.94 12.66
C ILE D 101 21.89 -23.24 13.25
N PRO D 102 23.04 -23.23 13.95
CA PRO D 102 23.55 -24.44 14.60
C PRO D 102 22.42 -25.07 15.43
N THR D 103 22.27 -26.40 15.35
CA THR D 103 21.21 -27.13 16.10
C THR D 103 21.26 -26.78 17.59
N THR D 104 22.43 -26.39 18.11
CA THR D 104 22.58 -26.07 19.56
C THR D 104 22.07 -24.65 19.87
N CYS D 105 21.67 -23.88 18.85
CA CYS D 105 21.17 -22.49 19.07
C CYS D 105 19.83 -22.31 18.35
N ALA D 106 19.27 -23.39 17.80
CA ALA D 106 18.00 -23.34 17.05
C ALA D 106 16.83 -22.93 17.96
N ASN D 107 17.07 -22.85 19.28
CA ASN D 107 15.99 -22.44 20.21
C ASN D 107 15.82 -20.92 20.16
N ASP D 108 16.82 -20.18 19.67
CA ASP D 108 16.73 -18.69 19.58
C ASP D 108 17.38 -18.21 18.29
N PRO D 109 16.77 -18.47 17.11
CA PRO D 109 17.34 -18.00 15.84
C PRO D 109 17.51 -16.47 15.75
N VAL D 110 16.52 -15.71 16.25
CA VAL D 110 16.60 -14.22 16.18
C VAL D 110 17.85 -13.77 16.94
N GLY D 111 18.05 -14.29 18.15
CA GLY D 111 19.22 -13.93 18.96
C GLY D 111 20.53 -14.34 18.31
N PHE D 112 20.52 -15.45 17.58
CA PHE D 112 21.77 -15.95 16.94
C PHE D 112 22.20 -15.03 15.78
N THR D 113 21.24 -14.56 14.97
CA THR D 113 21.58 -13.70 13.80
C THR D 113 22.09 -12.33 14.27
N LEU D 114 21.55 -11.83 15.40
CA LEU D 114 21.98 -10.51 15.95
C LEU D 114 23.39 -10.60 16.52
N LYS D 115 23.64 -11.60 17.39
CA LYS D 115 24.94 -11.78 18.08
C LYS D 115 26.03 -12.33 17.16
N ASN D 116 25.71 -12.66 15.90
CA ASN D 116 26.77 -13.24 15.01
C ASN D 116 26.89 -12.43 13.72
N THR D 117 27.98 -12.66 12.99
CA THR D 117 28.31 -11.96 11.71
C THR D 117 28.64 -12.97 10.61
N VAL D 118 28.20 -12.70 9.39
CA VAL D 118 28.47 -13.60 8.23
C VAL D 118 29.82 -13.20 7.62
N CYS D 119 30.66 -14.18 7.34
CA CYS D 119 31.98 -13.93 6.69
C CYS D 119 31.75 -13.55 5.23
N THR D 120 32.15 -12.34 4.84
CA THR D 120 31.93 -11.82 3.46
C THR D 120 32.80 -12.58 2.44
N VAL D 121 33.63 -13.53 2.88
CA VAL D 121 34.53 -14.28 1.95
C VAL D 121 33.98 -15.69 1.70
N CYS D 122 33.81 -16.49 2.75
CA CYS D 122 33.34 -17.91 2.58
C CYS D 122 31.81 -18.04 2.75
N GLY D 123 31.13 -17.03 3.30
CA GLY D 123 29.67 -17.09 3.49
C GLY D 123 29.24 -17.91 4.70
N MET D 124 30.20 -18.37 5.50
CA MET D 124 29.91 -19.17 6.72
C MET D 124 29.83 -18.21 7.91
N TRP D 125 29.21 -18.63 9.01
CA TRP D 125 29.15 -17.78 10.23
C TRP D 125 30.55 -17.68 10.82
N LYS D 126 30.91 -16.50 11.36
CA LYS D 126 32.23 -16.31 12.01
C LYS D 126 32.13 -16.98 13.39
N GLY D 127 32.90 -18.05 13.61
CA GLY D 127 32.88 -18.81 14.87
C GLY D 127 32.05 -20.07 14.73
N TYR D 128 31.44 -20.29 13.56
CA TYR D 128 30.59 -21.49 13.30
C TYR D 128 30.66 -21.87 11.81
N GLY D 129 31.87 -22.15 11.30
CA GLY D 129 32.01 -22.55 9.88
C GLY D 129 33.17 -21.83 9.19
N CYS D 130 33.27 -20.51 9.38
CA CYS D 130 34.35 -19.70 8.75
C CYS D 130 35.71 -20.13 9.30
N SER D 131 36.54 -20.75 8.45
CA SER D 131 37.90 -21.21 8.82
C SER D 131 38.94 -20.44 8.00
N CYS D 132 38.62 -19.19 7.64
CA CYS D 132 39.52 -18.31 6.85
C CYS D 132 40.73 -17.90 7.69
N ASP D 133 40.58 -17.83 9.02
CA ASP D 133 41.69 -17.48 9.95
C ASP D 133 42.00 -18.69 10.84
#